data_2Y4F
#
_entry.id   2Y4F
#
_cell.length_a   83.330
_cell.length_b   85.930
_cell.length_c   120.000
_cell.angle_alpha   90.00
_cell.angle_beta   90.00
_cell.angle_gamma   90.00
#
_symmetry.space_group_name_H-M   'P 21 21 21'
#
loop_
_entity.id
_entity.type
_entity.pdbx_description
1 polymer 'PEROXIDASE YCDB'
2 non-polymer 'PROTOPORPHYRIN IX CONTAINING FE'
3 non-polymer 'SULFATE ION'
4 non-polymer GLYCEROL
5 water water
#
_entity_poly.entity_id   1
_entity_poly.type   'polypeptide(L)'
_entity_poly.pdbx_seq_one_letter_code
;GAMAQKTQSAPGTLSPDARNEKQPFYGEHQAGILTPQQAAMMLVAFDVLASDKADLERLFRLLTQRFAFLTQGGAAPETP
NPRLPPLDSGILGGYIAPDNLTITLSVGHSLFDERFGLAPQMPKKLQKMTRFPNDSLDAALCHGDVLLQICANTQDTVIH
ALRDIIKHTPDLLSVRWKREGFISDHAARSKGKETPINLLGFKDGTANPDSQNDKLMQKVVWVTADQQEPAWTIGGSYQA
VRLIQFRVEFWDRTPLKEQQTIFGRDKQTGAPLGMQHEHDVPDYASDPEGKVIALDSHIRLANPRTAESESSLMLRRGYS
YSLGVTNSGQLDMGLLFVCYQHDLEKGFLTVQKRLNGEALEEYVKPIGGGYFFALPGVKDANDYFGSALLRV
;
_entity_poly.pdbx_strand_id   A,B
#
loop_
_chem_comp.id
_chem_comp.type
_chem_comp.name
_chem_comp.formula
GOL non-polymer GLYCEROL 'C3 H8 O3'
HEM non-polymer 'PROTOPORPHYRIN IX CONTAINING FE' 'C34 H32 Fe N4 O4'
SO4 non-polymer 'SULFATE ION' 'O4 S -2'
#
# COMPACT_ATOMS: atom_id res chain seq x y z
N SER A 9 -9.48 -19.96 10.32
CA SER A 9 -10.77 -19.27 10.63
C SER A 9 -11.39 -18.63 9.40
N ALA A 10 -12.73 -18.53 9.41
CA ALA A 10 -13.54 -17.97 8.33
C ALA A 10 -13.26 -16.49 8.08
N PRO A 11 -13.24 -16.06 6.79
CA PRO A 11 -13.50 -16.83 5.56
C PRO A 11 -12.33 -17.67 5.04
N GLY A 12 -11.21 -17.65 5.77
CA GLY A 12 -9.96 -18.31 5.34
C GLY A 12 -9.12 -17.34 4.54
N THR A 13 -7.94 -17.80 4.10
CA THR A 13 -7.06 -16.94 3.26
C THR A 13 -6.53 -17.65 2.01
N LEU A 14 -6.05 -16.86 1.05
CA LEU A 14 -5.48 -17.37 -0.20
C LEU A 14 -4.04 -16.90 -0.40
N SER A 15 -3.22 -17.69 -1.09
CA SER A 15 -1.79 -17.38 -1.22
C SER A 15 -1.45 -16.28 -2.25
N PRO A 16 -0.48 -15.42 -1.90
CA PRO A 16 0.02 -14.31 -2.74
C PRO A 16 0.82 -14.72 -3.98
N ASP A 17 1.25 -15.98 -4.05
CA ASP A 17 2.06 -16.47 -5.17
C ASP A 17 1.19 -17.19 -6.22
N ALA A 18 -0.09 -17.36 -5.88
CA ALA A 18 -1.02 -18.14 -6.67
C ALA A 18 -1.50 -17.41 -7.94
N ARG A 19 -0.52 -16.97 -8.73
CA ARG A 19 -0.74 -16.23 -9.95
C ARG A 19 -1.77 -16.82 -10.92
N ASN A 20 -1.79 -18.14 -11.10
CA ASN A 20 -2.71 -18.79 -12.04
C ASN A 20 -3.93 -19.42 -11.35
N GLU A 21 -4.30 -18.90 -10.19
CA GLU A 21 -5.47 -19.37 -9.48
C GLU A 21 -6.67 -18.50 -9.84
N LYS A 22 -7.82 -19.12 -10.07
CA LYS A 22 -8.99 -18.41 -10.55
C LYS A 22 -10.11 -18.43 -9.53
N GLN A 23 -11.01 -17.45 -9.60
CA GLN A 23 -12.24 -17.51 -8.80
C GLN A 23 -13.47 -17.40 -9.70
N PRO A 24 -14.46 -18.28 -9.51
CA PRO A 24 -15.64 -18.21 -10.37
C PRO A 24 -16.31 -16.86 -10.25
N PHE A 25 -16.52 -16.20 -11.37
CA PHE A 25 -17.19 -14.91 -11.35
C PHE A 25 -18.72 -15.04 -11.33
N TYR A 26 -19.27 -15.96 -12.11
CA TYR A 26 -20.71 -16.12 -12.22
C TYR A 26 -21.18 -17.08 -11.14
N GLY A 27 -22.47 -17.00 -10.81
CA GLY A 27 -23.07 -17.85 -9.80
C GLY A 27 -24.28 -17.20 -9.15
N GLU A 28 -24.89 -17.95 -8.21
CA GLU A 28 -25.97 -17.52 -7.34
C GLU A 28 -25.56 -16.28 -6.55
N HIS A 29 -24.30 -16.26 -6.12
CA HIS A 29 -23.78 -15.17 -5.33
C HIS A 29 -22.56 -14.59 -6.03
N GLN A 30 -22.23 -13.35 -5.72
CA GLN A 30 -20.98 -12.79 -6.20
C GLN A 30 -19.83 -13.36 -5.38
N ALA A 31 -18.61 -13.23 -5.90
CA ALA A 31 -17.42 -13.63 -5.17
C ALA A 31 -16.95 -12.45 -4.32
N GLY A 32 -16.03 -12.67 -3.40
CA GLY A 32 -15.47 -11.60 -2.57
C GLY A 32 -16.22 -11.40 -1.27
N ILE A 33 -17.27 -12.20 -1.09
CA ILE A 33 -18.04 -12.26 0.13
C ILE A 33 -17.66 -13.48 0.96
N LEU A 34 -17.85 -14.69 0.41
CA LEU A 34 -17.45 -15.90 1.13
C LEU A 34 -16.07 -16.36 0.70
N THR A 35 -15.58 -15.76 -0.37
CA THR A 35 -14.27 -16.09 -0.87
C THR A 35 -13.19 -15.91 0.22
N PRO A 36 -12.34 -16.93 0.45
CA PRO A 36 -11.22 -16.65 1.36
C PRO A 36 -10.55 -15.33 1.02
N GLN A 37 -9.87 -14.77 1.99
CA GLN A 37 -9.27 -13.47 1.81
C GLN A 37 -7.93 -13.51 1.09
N GLN A 38 -7.86 -12.76 -0.02
CA GLN A 38 -6.64 -12.55 -0.76
C GLN A 38 -5.82 -11.45 -0.07
N ALA A 39 -4.56 -11.33 -0.45
CA ALA A 39 -3.61 -10.48 0.24
C ALA A 39 -3.82 -8.97 0.02
N ALA A 40 -4.42 -8.58 -1.09
CA ALA A 40 -4.55 -7.17 -1.42
C ALA A 40 -6.02 -6.84 -1.65
N MET A 41 -6.42 -5.64 -1.21
CA MET A 41 -7.77 -5.17 -1.42
C MET A 41 -7.80 -3.71 -1.88
N MET A 42 -8.95 -3.32 -2.43
CA MET A 42 -9.23 -1.96 -2.78
C MET A 42 -10.72 -1.75 -2.64
N LEU A 43 -11.06 -0.67 -1.93
CA LEU A 43 -12.42 -0.19 -1.81
C LEU A 43 -12.52 1.07 -2.62
N VAL A 44 -13.37 1.10 -3.63
CA VAL A 44 -13.47 2.27 -4.45
C VAL A 44 -14.94 2.59 -4.70
N ALA A 45 -15.32 3.79 -4.27
CA ALA A 45 -16.68 4.29 -4.44
C ALA A 45 -16.72 5.16 -5.70
N PHE A 46 -17.82 5.07 -6.44
CA PHE A 46 -18.05 5.90 -7.63
C PHE A 46 -19.33 6.70 -7.51
N ASP A 47 -19.29 7.92 -8.06
CA ASP A 47 -20.51 8.61 -8.37
C ASP A 47 -20.88 8.06 -9.74
N VAL A 48 -22.10 7.57 -9.84
CA VAL A 48 -22.67 7.19 -11.13
C VAL A 48 -23.04 8.45 -11.91
N LEU A 49 -22.59 8.51 -13.17
CA LEU A 49 -22.89 9.63 -14.07
C LEU A 49 -23.98 9.30 -15.08
N ALA A 50 -24.54 8.09 -15.01
CA ALA A 50 -25.63 7.70 -15.91
C ALA A 50 -26.72 8.75 -15.80
N SER A 51 -27.30 9.16 -16.93
CA SER A 51 -28.34 10.20 -16.87
C SER A 51 -29.76 9.64 -16.70
N ASP A 52 -29.99 8.41 -17.13
CA ASP A 52 -31.31 7.79 -17.00
C ASP A 52 -31.15 6.29 -16.82
N LYS A 53 -32.26 5.59 -16.60
CA LYS A 53 -32.25 4.16 -16.34
C LYS A 53 -31.57 3.35 -17.45
N ALA A 54 -31.70 3.83 -18.69
CA ALA A 54 -31.08 3.20 -19.86
C ALA A 54 -29.56 3.26 -19.79
N ASP A 55 -29.02 4.40 -19.36
CA ASP A 55 -27.58 4.54 -19.14
C ASP A 55 -27.11 3.67 -17.99
N LEU A 56 -27.96 3.45 -17.00
CA LEU A 56 -27.58 2.63 -15.87
C LEU A 56 -27.41 1.19 -16.30
N GLU A 57 -28.36 0.70 -17.10
CA GLU A 57 -28.32 -0.66 -17.64
C GLU A 57 -27.13 -0.84 -18.58
N ARG A 58 -26.82 0.19 -19.37
CA ARG A 58 -25.61 0.19 -20.17
C ARG A 58 -24.41 -0.10 -19.26
N LEU A 59 -24.38 0.61 -18.11
CA LEU A 59 -23.26 0.53 -17.18
C LEU A 59 -23.13 -0.84 -16.56
N PHE A 60 -24.25 -1.32 -16.04
CA PHE A 60 -24.30 -2.58 -15.33
C PHE A 60 -23.87 -3.72 -16.22
N ARG A 61 -24.37 -3.71 -17.47
CA ARG A 61 -23.93 -4.66 -18.49
C ARG A 61 -22.44 -4.56 -18.78
N LEU A 62 -21.94 -3.35 -18.91
CA LEU A 62 -20.52 -3.13 -19.21
C LEU A 62 -19.61 -3.67 -18.12
N LEU A 63 -20.03 -3.46 -16.87
CA LEU A 63 -19.25 -3.92 -15.73
C LEU A 63 -19.23 -5.43 -15.69
N THR A 64 -20.36 -6.03 -16.05
CA THR A 64 -20.42 -7.47 -16.12
C THR A 64 -19.34 -7.97 -17.07
N GLN A 65 -19.37 -7.52 -18.30
CA GLN A 65 -18.41 -8.00 -19.25
C GLN A 65 -16.97 -7.78 -18.77
N ARG A 66 -16.67 -6.61 -18.22
CA ARG A 66 -15.28 -6.31 -17.83
C ARG A 66 -14.76 -7.17 -16.67
N PHE A 67 -15.59 -7.40 -15.66
CA PHE A 67 -15.15 -8.19 -14.50
C PHE A 67 -14.90 -9.64 -14.94
N ALA A 68 -15.86 -10.17 -15.71
CA ALA A 68 -15.76 -11.51 -16.28
C ALA A 68 -14.37 -11.73 -16.88
N PHE A 69 -14.00 -10.88 -17.84
CA PHE A 69 -12.71 -10.96 -18.49
C PHE A 69 -11.51 -10.74 -17.54
N LEU A 70 -11.62 -9.74 -16.66
CA LEU A 70 -10.54 -9.47 -15.70
C LEU A 70 -10.33 -10.58 -14.64
N THR A 71 -11.42 -11.12 -14.10
CA THR A 71 -11.35 -12.06 -12.99
C THR A 71 -10.95 -13.44 -13.48
N GLN A 72 -11.27 -13.72 -14.72
CA GLN A 72 -10.97 -15.03 -15.26
C GLN A 72 -9.69 -15.03 -16.12
N GLY A 73 -9.09 -13.85 -16.29
CA GLY A 73 -7.76 -13.76 -16.88
C GLY A 73 -7.70 -13.97 -18.38
N GLY A 74 -6.55 -13.64 -18.96
CA GLY A 74 -6.37 -13.72 -20.40
C GLY A 74 -5.21 -12.89 -20.88
N ALA A 75 -4.87 -13.05 -22.17
CA ALA A 75 -3.81 -12.28 -22.80
C ALA A 75 -4.21 -10.81 -22.82
N ALA A 76 -3.22 -9.93 -22.59
CA ALA A 76 -3.44 -8.49 -22.62
C ALA A 76 -3.91 -8.03 -23.99
N PRO A 77 -5.11 -7.43 -24.04
CA PRO A 77 -5.73 -6.93 -25.27
C PRO A 77 -4.76 -6.11 -26.09
N GLU A 78 -4.44 -6.64 -27.28
CA GLU A 78 -3.44 -6.05 -28.13
C GLU A 78 -4.04 -4.84 -28.84
N THR A 79 -3.23 -3.79 -28.98
CA THR A 79 -3.63 -2.52 -29.61
C THR A 79 -3.00 -2.39 -31.01
N PRO A 80 -3.71 -2.84 -32.06
CA PRO A 80 -3.07 -2.98 -33.38
C PRO A 80 -2.74 -1.63 -34.05
N ASN A 81 -3.52 -0.60 -33.69
CA ASN A 81 -3.39 0.75 -34.24
C ASN A 81 -2.85 1.72 -33.16
N PRO A 82 -1.53 1.98 -33.18
CA PRO A 82 -0.82 2.79 -32.18
C PRO A 82 -1.33 4.21 -32.01
N ARG A 83 -2.10 4.70 -32.97
CA ARG A 83 -2.65 6.06 -32.88
C ARG A 83 -3.74 6.15 -31.82
N LEU A 84 -4.00 5.02 -31.18
CA LEU A 84 -5.01 4.92 -30.15
C LEU A 84 -4.36 4.79 -28.77
N PRO A 85 -5.09 5.18 -27.70
CA PRO A 85 -4.61 4.82 -26.38
C PRO A 85 -4.56 3.29 -26.28
N PRO A 86 -3.54 2.73 -25.61
CA PRO A 86 -3.46 1.26 -25.43
C PRO A 86 -4.69 0.74 -24.68
N LEU A 87 -5.21 -0.41 -25.13
CA LEU A 87 -6.47 -0.97 -24.59
C LEU A 87 -6.22 -1.52 -23.21
N ASP A 88 -4.97 -1.90 -22.96
CA ASP A 88 -4.51 -2.26 -21.64
C ASP A 88 -3.45 -1.27 -21.13
N SER A 89 -3.41 -1.10 -19.81
CA SER A 89 -2.43 -0.23 -19.15
C SER A 89 -1.01 -0.80 -19.19
N GLY A 90 -0.91 -2.10 -19.44
CA GLY A 90 0.36 -2.79 -19.53
C GLY A 90 1.16 -2.84 -18.25
N ILE A 91 0.53 -2.56 -17.11
CA ILE A 91 1.25 -2.61 -15.81
C ILE A 91 1.40 -4.04 -15.33
N LEU A 92 0.63 -4.94 -15.94
CA LEU A 92 0.74 -6.37 -15.69
C LEU A 92 1.61 -7.08 -16.71
N GLY A 93 2.11 -6.35 -17.71
CA GLY A 93 2.85 -6.96 -18.81
C GLY A 93 1.95 -7.62 -19.84
N GLY A 94 2.45 -8.70 -20.46
CA GLY A 94 1.76 -9.39 -21.55
C GLY A 94 0.46 -10.12 -21.21
N TYR A 95 0.41 -10.71 -20.02
CA TYR A 95 -0.70 -11.55 -19.59
C TYR A 95 -1.40 -10.95 -18.37
N ILE A 96 -2.72 -10.81 -18.48
CA ILE A 96 -3.55 -10.45 -17.35
C ILE A 96 -3.88 -11.71 -16.53
N ALA A 97 -2.99 -12.09 -15.62
CA ALA A 97 -3.19 -13.27 -14.77
C ALA A 97 -4.44 -13.16 -13.84
N PRO A 98 -5.18 -14.27 -13.65
CA PRO A 98 -6.38 -14.11 -12.87
C PRO A 98 -6.02 -13.68 -11.46
N ASP A 99 -4.99 -14.32 -10.87
CA ASP A 99 -4.36 -13.90 -9.61
C ASP A 99 -5.40 -13.77 -8.48
N ASN A 100 -6.41 -14.63 -8.54
CA ASN A 100 -7.53 -14.68 -7.59
C ASN A 100 -8.40 -13.45 -7.55
N LEU A 101 -8.32 -12.63 -8.59
CA LEU A 101 -9.14 -11.45 -8.67
C LEU A 101 -10.63 -11.78 -8.49
N THR A 102 -11.24 -11.08 -7.54
CA THR A 102 -12.66 -11.02 -7.38
C THR A 102 -13.01 -9.54 -7.41
N ILE A 103 -14.10 -9.20 -8.10
CA ILE A 103 -14.68 -7.87 -8.06
C ILE A 103 -16.14 -7.90 -7.55
N THR A 104 -16.37 -7.31 -6.39
CA THR A 104 -17.70 -7.35 -5.80
C THR A 104 -18.39 -6.00 -5.90
N LEU A 105 -19.58 -5.99 -6.49
CA LEU A 105 -20.31 -4.76 -6.71
C LEU A 105 -21.53 -4.63 -5.79
N SER A 106 -21.66 -3.42 -5.24
CA SER A 106 -22.74 -3.04 -4.34
C SER A 106 -23.15 -1.59 -4.57
N VAL A 107 -24.41 -1.33 -4.26
CA VAL A 107 -25.03 -0.06 -4.56
C VAL A 107 -25.36 0.67 -3.26
N GLY A 108 -25.34 2.01 -3.30
CA GLY A 108 -25.66 2.82 -2.14
C GLY A 108 -27.07 3.34 -2.18
N HIS A 109 -27.60 3.69 -1.01
CA HIS A 109 -28.90 4.31 -0.89
C HIS A 109 -29.16 5.37 -2.00
N SER A 110 -28.12 6.18 -2.30
CA SER A 110 -28.25 7.31 -3.23
C SER A 110 -28.69 6.91 -4.64
N LEU A 111 -28.50 5.64 -4.98
CA LEU A 111 -28.83 5.14 -6.29
C LEU A 111 -30.33 5.01 -6.45
N PHE A 112 -31.03 5.01 -5.33
CA PHE A 112 -32.47 4.80 -5.32
C PHE A 112 -33.20 6.12 -5.16
N ASP A 113 -32.62 7.20 -5.69
CA ASP A 113 -33.33 8.48 -5.78
C ASP A 113 -34.17 8.57 -7.07
N GLU A 114 -34.44 9.78 -7.50
CA GLU A 114 -35.36 9.99 -8.62
C GLU A 114 -34.72 9.67 -9.96
N ARG A 115 -33.40 9.85 -10.04
CA ARG A 115 -32.65 9.64 -11.28
C ARG A 115 -33.11 8.46 -12.14
N PHE A 116 -33.33 7.29 -11.52
CA PHE A 116 -33.55 6.03 -12.25
C PHE A 116 -34.83 5.31 -11.85
N GLY A 117 -35.63 5.92 -10.99
CA GLY A 117 -36.93 5.37 -10.59
C GLY A 117 -36.86 3.98 -9.99
N LEU A 118 -35.93 3.80 -9.06
CA LEU A 118 -35.73 2.51 -8.42
C LEU A 118 -36.23 2.55 -6.99
N ALA A 119 -36.52 3.77 -6.50
CA ALA A 119 -36.98 4.01 -5.13
C ALA A 119 -37.99 2.98 -4.57
N PRO A 120 -39.05 2.67 -5.35
CA PRO A 120 -39.99 1.65 -4.87
C PRO A 120 -39.34 0.31 -4.70
N GLN A 121 -38.15 0.14 -5.30
CA GLN A 121 -37.46 -1.15 -5.33
C GLN A 121 -36.32 -1.26 -4.33
N MET A 122 -35.99 -0.14 -3.68
CA MET A 122 -34.99 -0.08 -2.61
C MET A 122 -35.09 -1.24 -1.59
N PRO A 123 -33.94 -1.83 -1.20
CA PRO A 123 -33.92 -2.81 -0.11
C PRO A 123 -34.38 -2.18 1.21
N LYS A 124 -35.21 -2.92 1.94
CA LYS A 124 -35.87 -2.41 3.13
C LYS A 124 -34.98 -1.75 4.19
N LYS A 125 -33.74 -2.20 4.33
CA LYS A 125 -32.90 -1.76 5.45
C LYS A 125 -31.76 -0.84 5.02
N LEU A 126 -31.72 -0.56 3.73
CA LEU A 126 -30.67 0.22 3.16
C LEU A 126 -30.86 1.72 3.47
N GLN A 127 -29.82 2.35 3.97
CA GLN A 127 -29.91 3.75 4.33
C GLN A 127 -28.56 4.42 4.24
N LYS A 128 -28.54 5.76 4.22
CA LYS A 128 -27.31 6.55 4.40
C LYS A 128 -26.68 6.22 5.75
N MET A 129 -25.36 6.19 5.80
CA MET A 129 -24.68 6.02 7.07
C MET A 129 -24.68 7.37 7.78
N THR A 130 -25.04 7.35 9.05
CA THR A 130 -24.99 8.53 9.89
C THR A 130 -24.16 8.20 11.12
N ARG A 131 -23.73 9.22 11.84
CA ARG A 131 -22.70 9.01 12.84
C ARG A 131 -23.15 8.33 14.13
N PHE A 132 -22.24 7.49 14.65
CA PHE A 132 -22.27 6.92 15.99
C PHE A 132 -21.38 7.79 16.88
N PRO A 133 -21.66 7.82 18.20
CA PRO A 133 -21.04 8.77 19.11
C PRO A 133 -19.57 9.05 18.82
N ASN A 134 -18.79 8.00 18.62
CA ASN A 134 -17.35 8.12 18.45
C ASN A 134 -16.83 8.50 17.04
N ASP A 135 -17.72 8.88 16.12
CA ASP A 135 -17.24 9.13 14.75
C ASP A 135 -16.65 10.51 14.48
N SER A 136 -15.64 10.53 13.61
CA SER A 136 -15.17 11.74 12.97
C SER A 136 -15.26 11.62 11.44
N LEU A 137 -16.45 11.30 10.94
CA LEU A 137 -16.62 11.13 9.50
C LEU A 137 -16.05 12.30 8.71
N ASP A 138 -15.51 12.00 7.53
CA ASP A 138 -15.01 12.99 6.58
C ASP A 138 -15.86 12.84 5.32
N ALA A 139 -16.52 13.90 4.89
CA ALA A 139 -17.40 13.82 3.72
C ALA A 139 -16.73 13.17 2.50
N ALA A 140 -15.42 13.35 2.36
CA ALA A 140 -14.69 12.90 1.18
C ALA A 140 -14.55 11.38 1.17
N LEU A 141 -14.67 10.77 2.35
CA LEU A 141 -14.50 9.31 2.51
C LEU A 141 -15.80 8.58 2.79
N CYS A 142 -16.93 9.25 2.59
CA CYS A 142 -18.23 8.63 2.87
C CYS A 142 -19.08 8.44 1.64
N HIS A 143 -19.85 7.34 1.67
CA HIS A 143 -20.94 7.05 0.71
C HIS A 143 -20.50 6.72 -0.71
N GLY A 144 -21.42 6.83 -1.66
CA GLY A 144 -21.16 6.46 -3.05
C GLY A 144 -22.36 5.78 -3.66
N ASP A 145 -22.62 6.08 -4.93
CA ASP A 145 -23.68 5.44 -5.71
C ASP A 145 -23.40 3.95 -5.81
N VAL A 146 -22.15 3.63 -6.13
CA VAL A 146 -21.71 2.25 -6.20
C VAL A 146 -20.38 2.13 -5.46
N LEU A 147 -20.14 0.97 -4.84
CA LEU A 147 -18.83 0.62 -4.30
C LEU A 147 -18.37 -0.70 -4.94
N LEU A 148 -17.10 -0.76 -5.30
CA LEU A 148 -16.49 -1.99 -5.79
C LEU A 148 -15.42 -2.41 -4.80
N GLN A 149 -15.50 -3.65 -4.35
CA GLN A 149 -14.47 -4.27 -3.54
C GLN A 149 -13.66 -5.14 -4.50
N ILE A 150 -12.45 -4.71 -4.83
CA ILE A 150 -11.58 -5.46 -5.74
C ILE A 150 -10.49 -6.07 -4.91
N CYS A 151 -10.42 -7.40 -4.86
CA CYS A 151 -9.37 -8.11 -4.11
C CYS A 151 -8.57 -9.05 -5.01
N ALA A 152 -7.28 -9.20 -4.72
CA ALA A 152 -6.45 -10.13 -5.47
C ALA A 152 -5.20 -10.48 -4.69
N ASN A 153 -4.46 -11.47 -5.17
CA ASN A 153 -3.19 -11.87 -4.55
C ASN A 153 -2.22 -10.70 -4.43
N THR A 154 -2.20 -9.84 -5.45
CA THR A 154 -1.20 -8.78 -5.55
C THR A 154 -1.84 -7.44 -5.81
N GLN A 155 -1.18 -6.41 -5.29
CA GLN A 155 -1.54 -5.03 -5.54
C GLN A 155 -1.61 -4.70 -7.03
N ASP A 156 -0.75 -5.36 -7.80
CA ASP A 156 -0.62 -5.10 -9.21
C ASP A 156 -1.92 -5.40 -9.95
N THR A 157 -2.53 -6.52 -9.60
CA THR A 157 -3.72 -6.99 -10.29
C THR A 157 -4.83 -6.02 -10.01
N VAL A 158 -4.89 -5.56 -8.77
CA VAL A 158 -6.02 -4.82 -8.25
C VAL A 158 -6.06 -3.41 -8.86
N ILE A 159 -4.90 -2.78 -8.88
CA ILE A 159 -4.70 -1.53 -9.58
C ILE A 159 -5.07 -1.71 -11.06
N HIS A 160 -4.58 -2.78 -11.69
CA HIS A 160 -4.81 -2.96 -13.11
C HIS A 160 -6.28 -3.06 -13.44
N ALA A 161 -7.02 -3.80 -12.62
CA ALA A 161 -8.49 -3.91 -12.74
C ALA A 161 -9.17 -2.55 -12.74
N LEU A 162 -8.83 -1.75 -11.72
CA LEU A 162 -9.38 -0.41 -11.53
C LEU A 162 -9.22 0.50 -12.76
N ARG A 163 -7.98 0.65 -13.22
CA ARG A 163 -7.75 1.47 -14.39
C ARG A 163 -8.48 0.96 -15.63
N ASP A 164 -8.54 -0.35 -15.80
CA ASP A 164 -9.28 -0.97 -16.88
C ASP A 164 -10.69 -0.43 -16.79
N ILE A 165 -11.33 -0.65 -15.63
CA ILE A 165 -12.72 -0.24 -15.44
C ILE A 165 -12.89 1.27 -15.72
N ILE A 166 -12.01 2.08 -15.18
CA ILE A 166 -12.10 3.53 -15.36
C ILE A 166 -12.05 3.89 -16.83
N LYS A 167 -10.98 3.43 -17.50
CA LYS A 167 -10.74 3.70 -18.90
C LYS A 167 -12.01 3.48 -19.68
N HIS A 168 -12.74 2.42 -19.34
CA HIS A 168 -13.95 2.05 -20.08
C HIS A 168 -15.23 2.76 -19.66
N THR A 169 -15.15 3.67 -18.69
CA THR A 169 -16.37 4.26 -18.12
C THR A 169 -16.42 5.79 -18.03
N PRO A 170 -15.67 6.52 -18.89
CA PRO A 170 -15.46 7.95 -18.54
C PRO A 170 -16.72 8.80 -18.62
N ASP A 171 -17.81 8.25 -19.12
CA ASP A 171 -19.08 8.96 -19.28
C ASP A 171 -20.13 8.44 -18.31
N LEU A 172 -19.74 7.46 -17.50
CA LEU A 172 -20.66 6.78 -16.60
C LEU A 172 -20.19 6.69 -15.13
N LEU A 173 -18.87 6.66 -14.91
CA LEU A 173 -18.33 6.61 -13.54
C LEU A 173 -17.36 7.77 -13.13
N SER A 174 -17.39 8.13 -11.85
CA SER A 174 -16.48 9.14 -11.34
C SER A 174 -16.00 8.70 -9.98
N VAL A 175 -14.69 8.55 -9.85
CA VAL A 175 -14.05 8.06 -8.63
C VAL A 175 -14.43 9.00 -7.52
N ARG A 176 -15.16 8.49 -6.54
CA ARG A 176 -15.54 9.26 -5.36
C ARG A 176 -14.40 9.19 -4.35
N TRP A 177 -14.38 8.18 -3.48
CA TRP A 177 -13.19 7.93 -2.63
C TRP A 177 -12.54 6.61 -2.97
N LYS A 178 -11.27 6.46 -2.62
CA LYS A 178 -10.57 5.19 -2.76
C LYS A 178 -9.58 4.90 -1.64
N ARG A 179 -9.60 3.65 -1.15
CA ARG A 179 -8.68 3.11 -0.16
C ARG A 179 -8.22 1.68 -0.48
N GLU A 180 -6.95 1.42 -0.21
CA GLU A 180 -6.30 0.14 -0.48
C GLU A 180 -5.87 -0.52 0.80
N GLY A 181 -5.92 -1.85 0.82
CA GLY A 181 -5.59 -2.60 2.04
C GLY A 181 -4.86 -3.91 1.82
N PHE A 182 -4.62 -4.60 2.93
CA PHE A 182 -3.89 -5.85 2.90
C PHE A 182 -4.11 -6.65 4.16
N ILE A 183 -3.89 -7.95 4.10
CA ILE A 183 -3.85 -8.74 5.32
C ILE A 183 -2.42 -9.16 5.55
N SER A 184 -2.10 -9.51 6.80
CA SER A 184 -0.77 -9.97 7.21
C SER A 184 -0.20 -11.09 6.30
N ASP A 185 1.10 -10.97 5.96
CA ASP A 185 1.76 -11.82 4.96
C ASP A 185 1.74 -13.33 5.26
N HIS A 186 2.16 -13.66 6.48
CA HIS A 186 2.20 -15.01 7.04
C HIS A 186 0.86 -15.72 7.05
N ALA A 187 -0.19 -15.00 7.43
CA ALA A 187 -1.53 -15.59 7.48
C ALA A 187 -2.05 -15.87 6.07
N ALA A 188 -1.69 -15.01 5.13
CA ALA A 188 -2.13 -15.17 3.76
C ALA A 188 -1.45 -16.40 3.16
N ARG A 189 -0.16 -16.57 3.48
CA ARG A 189 0.60 -17.71 3.04
C ARG A 189 0.12 -19.02 3.69
N SER A 190 -0.49 -18.94 4.87
CA SER A 190 -0.96 -20.13 5.59
C SER A 190 -2.23 -20.76 5.02
N LYS A 191 -2.90 -20.03 4.13
CA LYS A 191 -4.15 -20.47 3.49
C LYS A 191 -5.18 -21.04 4.47
N GLY A 192 -5.54 -20.25 5.47
CA GLY A 192 -6.73 -20.51 6.28
C GLY A 192 -6.43 -21.06 7.65
N LYS A 193 -5.23 -21.62 7.80
CA LYS A 193 -4.77 -22.19 9.06
C LYS A 193 -4.54 -21.11 10.13
N GLU A 194 -4.14 -19.92 9.69
CA GLU A 194 -3.90 -18.80 10.60
C GLU A 194 -4.90 -17.67 10.38
N THR A 195 -5.41 -17.15 11.49
CA THR A 195 -6.25 -15.97 11.50
C THR A 195 -5.33 -14.80 11.14
N PRO A 196 -5.86 -13.83 10.38
CA PRO A 196 -5.13 -12.62 10.04
C PRO A 196 -4.85 -11.78 11.28
N ILE A 197 -3.67 -11.17 11.34
CA ILE A 197 -3.30 -10.29 12.46
C ILE A 197 -3.54 -8.85 12.05
N ASN A 198 -4.41 -8.16 12.78
CA ASN A 198 -4.60 -6.73 12.49
C ASN A 198 -3.46 -5.84 13.00
N LEU A 199 -3.49 -4.56 12.64
CA LEU A 199 -2.33 -3.69 12.87
C LEU A 199 -2.15 -3.21 14.33
N LEU A 200 -3.06 -3.65 15.19
CA LEU A 200 -2.90 -3.48 16.60
C LEU A 200 -2.25 -4.74 17.17
N GLY A 201 -1.93 -5.70 16.30
CA GLY A 201 -1.21 -6.90 16.70
C GLY A 201 -2.07 -8.01 17.28
N PHE A 202 -3.37 -7.88 17.13
CA PHE A 202 -4.33 -8.89 17.55
C PHE A 202 -4.87 -9.71 16.38
N LYS A 203 -5.16 -10.98 16.65
CA LYS A 203 -5.82 -11.86 15.73
C LYS A 203 -7.19 -11.32 15.44
N ASP A 204 -7.48 -11.15 14.16
CA ASP A 204 -8.74 -10.58 13.74
C ASP A 204 -9.42 -11.50 12.74
N GLY A 205 -10.47 -12.18 13.21
CA GLY A 205 -11.32 -13.04 12.37
C GLY A 205 -11.87 -14.24 13.14
N THR A 206 -11.14 -14.64 14.19
CA THR A 206 -11.37 -15.86 14.96
C THR A 206 -12.81 -16.35 15.02
N ALA A 207 -13.72 -15.49 15.48
CA ALA A 207 -15.06 -15.95 15.82
C ALA A 207 -16.05 -15.78 14.69
N ASN A 208 -15.56 -15.40 13.51
CA ASN A 208 -16.39 -15.44 12.29
C ASN A 208 -17.15 -16.76 12.13
N PRO A 209 -18.45 -16.66 11.77
CA PRO A 209 -19.35 -17.79 11.49
C PRO A 209 -18.88 -18.57 10.29
N ASP A 210 -19.21 -19.86 10.23
CA ASP A 210 -18.61 -20.77 9.23
C ASP A 210 -19.02 -20.57 7.75
N SER A 211 -18.09 -20.05 6.96
CA SER A 211 -18.43 -19.57 5.61
C SER A 211 -18.54 -20.66 4.54
N GLN A 212 -17.94 -21.82 4.77
CA GLN A 212 -18.15 -22.96 3.88
C GLN A 212 -19.42 -23.71 4.29
N ASN A 213 -19.93 -23.42 5.50
CA ASN A 213 -21.21 -23.96 5.96
C ASN A 213 -22.38 -23.36 5.20
N ASP A 214 -22.65 -24.01 4.07
CA ASP A 214 -23.79 -23.78 3.23
C ASP A 214 -24.99 -23.19 3.99
N LYS A 215 -25.61 -23.99 4.86
CA LYS A 215 -26.88 -23.64 5.51
C LYS A 215 -26.77 -22.42 6.42
N LEU A 216 -25.60 -22.21 7.01
CA LEU A 216 -25.43 -21.16 8.01
C LEU A 216 -25.44 -19.79 7.36
N MET A 217 -24.90 -19.71 6.16
CA MET A 217 -24.79 -18.44 5.45
C MET A 217 -26.12 -17.95 4.89
N GLN A 218 -27.08 -18.86 4.80
CA GLN A 218 -28.41 -18.49 4.31
C GLN A 218 -29.21 -17.77 5.39
N LYS A 219 -29.07 -18.23 6.62
CA LYS A 219 -29.71 -17.55 7.73
C LYS A 219 -28.96 -16.23 7.99
N VAL A 220 -27.62 -16.28 7.89
CA VAL A 220 -26.77 -15.19 8.37
C VAL A 220 -26.40 -14.09 7.35
N VAL A 221 -25.87 -14.50 6.20
CA VAL A 221 -25.35 -13.53 5.27
C VAL A 221 -26.25 -13.19 4.09
N TRP A 222 -26.89 -14.18 3.49
CA TRP A 222 -27.62 -13.92 2.25
C TRP A 222 -29.06 -13.51 2.52
N VAL A 223 -29.58 -12.68 1.63
CA VAL A 223 -31.00 -12.41 1.59
C VAL A 223 -31.72 -13.63 1.03
N THR A 224 -32.82 -13.99 1.69
CA THR A 224 -33.64 -15.14 1.33
C THR A 224 -35.14 -14.73 1.29
N ALA A 225 -35.99 -15.55 0.65
CA ALA A 225 -37.41 -15.20 0.44
C ALA A 225 -38.26 -15.07 1.71
N ASP A 226 -37.92 -15.81 2.76
CA ASP A 226 -38.62 -15.71 4.04
C ASP A 226 -38.69 -14.27 4.59
N GLN A 227 -37.61 -13.49 4.43
CA GLN A 227 -37.59 -12.12 4.96
C GLN A 227 -38.10 -11.17 3.88
N GLN A 228 -39.10 -10.34 4.22
CA GLN A 228 -39.84 -9.57 3.20
C GLN A 228 -38.97 -8.49 2.55
N GLU A 229 -38.50 -8.78 1.35
CA GLU A 229 -37.58 -7.91 0.60
C GLU A 229 -37.94 -8.02 -0.87
N PRO A 230 -37.63 -6.99 -1.66
CA PRO A 230 -37.86 -7.13 -3.09
C PRO A 230 -37.20 -8.39 -3.62
N ALA A 231 -37.91 -9.13 -4.47
CA ALA A 231 -37.42 -10.40 -5.01
C ALA A 231 -35.96 -10.29 -5.46
N TRP A 232 -35.65 -9.26 -6.24
CA TRP A 232 -34.30 -9.08 -6.81
C TRP A 232 -33.17 -9.11 -5.80
N THR A 233 -33.49 -8.87 -4.54
CA THR A 233 -32.47 -8.82 -3.51
C THR A 233 -31.98 -10.23 -3.12
N ILE A 234 -32.82 -11.21 -3.40
CA ILE A 234 -32.55 -12.58 -2.98
C ILE A 234 -31.22 -13.05 -3.56
N GLY A 235 -30.31 -13.45 -2.69
CA GLY A 235 -29.00 -13.84 -3.15
C GLY A 235 -27.95 -12.78 -2.89
N GLY A 236 -28.40 -11.54 -2.71
CA GLY A 236 -27.53 -10.44 -2.31
C GLY A 236 -27.19 -10.47 -0.82
N SER A 237 -26.66 -9.34 -0.34
CA SER A 237 -26.25 -9.15 1.06
C SER A 237 -25.99 -7.67 1.35
N TYR A 238 -26.36 -7.26 2.57
CA TYR A 238 -26.15 -5.91 3.04
C TYR A 238 -24.70 -5.79 3.44
N GLN A 239 -24.09 -4.69 3.04
CA GLN A 239 -22.67 -4.52 3.24
C GLN A 239 -22.36 -3.24 4.02
N ALA A 240 -21.68 -3.42 5.15
CA ALA A 240 -21.30 -2.30 5.99
C ALA A 240 -19.80 -2.09 5.97
N VAL A 241 -19.37 -0.95 5.46
CA VAL A 241 -17.96 -0.57 5.42
C VAL A 241 -17.66 0.58 6.37
N ARG A 242 -16.61 0.44 7.16
CA ARG A 242 -16.14 1.53 8.01
C ARG A 242 -14.63 1.74 7.85
N LEU A 243 -14.23 2.98 7.56
CA LEU A 243 -12.81 3.32 7.50
C LEU A 243 -12.47 3.85 8.88
N ILE A 244 -11.45 3.23 9.50
CA ILE A 244 -11.19 3.44 10.93
C ILE A 244 -9.72 3.62 11.22
N GLN A 245 -9.36 4.79 11.74
CA GLN A 245 -7.99 5.08 12.09
C GLN A 245 -7.64 4.49 13.44
N PHE A 246 -6.41 4.03 13.55
CA PHE A 246 -5.85 3.59 14.84
C PHE A 246 -4.90 4.65 15.40
N ARG A 247 -5.06 4.98 16.67
CA ARG A 247 -4.05 5.79 17.33
C ARG A 247 -2.91 4.83 17.62
N VAL A 248 -2.01 4.75 16.65
CA VAL A 248 -0.96 3.72 16.62
C VAL A 248 0.11 3.91 17.71
N GLU A 249 0.72 5.08 17.77
CA GLU A 249 1.77 5.32 18.74
C GLU A 249 1.24 5.19 20.17
N PHE A 250 0.02 5.69 20.40
CA PHE A 250 -0.67 5.65 21.70
C PHE A 250 -0.83 4.19 22.10
N TRP A 251 -1.56 3.43 21.28
CA TRP A 251 -1.71 1.97 21.45
C TRP A 251 -0.40 1.28 21.76
N ASP A 252 0.64 1.64 21.02
CA ASP A 252 1.95 1.01 21.23
C ASP A 252 2.53 1.31 22.62
N ARG A 253 2.27 2.52 23.13
CA ARG A 253 2.70 2.89 24.48
C ARG A 253 1.61 2.62 25.52
N THR A 254 0.59 1.82 25.17
CA THR A 254 -0.38 1.32 26.16
C THR A 254 0.08 -0.04 26.75
N PRO A 255 -0.06 -0.24 28.07
CA PRO A 255 0.28 -1.54 28.68
C PRO A 255 -0.46 -2.71 28.00
N LEU A 256 0.23 -3.85 27.91
CA LEU A 256 -0.35 -5.06 27.32
C LEU A 256 -1.58 -5.59 28.08
N LYS A 257 -1.55 -5.51 29.40
CA LYS A 257 -2.73 -5.90 30.17
C LYS A 257 -3.97 -5.16 29.65
N GLU A 258 -3.83 -3.85 29.39
CA GLU A 258 -4.97 -3.05 29.00
C GLU A 258 -5.37 -3.41 27.58
N GLN A 259 -4.38 -3.59 26.71
CA GLN A 259 -4.67 -3.98 25.33
C GLN A 259 -5.57 -5.18 25.39
N GLN A 260 -5.15 -6.19 26.15
CA GLN A 260 -5.89 -7.42 26.28
C GLN A 260 -7.26 -7.24 26.94
N THR A 261 -7.30 -6.49 28.05
CA THR A 261 -8.55 -6.10 28.67
C THR A 261 -9.56 -5.56 27.66
N ILE A 262 -9.11 -4.63 26.81
CA ILE A 262 -10.00 -3.90 25.92
C ILE A 262 -10.72 -4.85 24.96
N PHE A 263 -9.93 -5.72 24.33
CA PHE A 263 -10.45 -6.74 23.44
C PHE A 263 -11.04 -7.93 24.17
N GLY A 264 -10.50 -8.23 25.36
CA GLY A 264 -10.88 -9.44 26.08
C GLY A 264 -10.35 -10.74 25.52
N ARG A 265 -9.23 -10.70 24.80
CA ARG A 265 -8.59 -11.92 24.32
C ARG A 265 -7.09 -11.85 24.50
N ASP A 266 -6.47 -12.99 24.74
CA ASP A 266 -5.03 -13.07 24.91
C ASP A 266 -4.35 -12.65 23.63
N LYS A 267 -3.54 -11.60 23.67
CA LYS A 267 -2.89 -11.12 22.44
C LYS A 267 -2.09 -12.21 21.72
N GLN A 268 -1.24 -12.94 22.43
CA GLN A 268 -0.35 -13.91 21.82
C GLN A 268 -1.03 -15.16 21.22
N THR A 269 -2.00 -15.74 21.91
CA THR A 269 -2.68 -16.95 21.42
C THR A 269 -4.01 -16.66 20.72
N GLY A 270 -4.57 -15.49 20.99
CA GLY A 270 -5.89 -15.17 20.50
C GLY A 270 -6.97 -15.95 21.22
N ALA A 271 -6.61 -16.72 22.23
CA ALA A 271 -7.58 -17.44 23.04
C ALA A 271 -8.39 -16.47 23.87
N PRO A 272 -9.68 -16.77 24.12
CA PRO A 272 -10.41 -15.94 25.07
C PRO A 272 -9.65 -15.86 26.40
N LEU A 273 -9.79 -14.75 27.11
CA LEU A 273 -9.03 -14.55 28.34
C LEU A 273 -9.40 -15.60 29.39
N GLY A 274 -8.37 -16.17 30.01
CA GLY A 274 -8.56 -17.28 30.95
C GLY A 274 -8.74 -18.62 30.27
N MET A 275 -8.44 -18.71 28.99
CA MET A 275 -8.48 -19.99 28.27
C MET A 275 -7.18 -20.20 27.50
N GLN A 276 -6.97 -21.42 27.00
CA GLN A 276 -5.70 -21.74 26.36
C GLN A 276 -5.75 -21.79 24.82
N HIS A 277 -6.94 -21.95 24.25
CA HIS A 277 -7.10 -22.23 22.81
C HIS A 277 -7.74 -21.11 22.00
N GLU A 278 -7.17 -20.85 20.82
CA GLU A 278 -7.66 -19.75 19.96
C GLU A 278 -9.15 -19.85 19.63
N HIS A 279 -9.61 -21.05 19.29
CA HIS A 279 -11.01 -21.24 18.96
C HIS A 279 -11.91 -21.66 20.14
N ASP A 280 -11.52 -21.27 21.36
CA ASP A 280 -12.37 -21.44 22.54
C ASP A 280 -13.53 -20.46 22.55
N VAL A 281 -14.60 -20.87 23.21
CA VAL A 281 -15.79 -20.07 23.39
C VAL A 281 -15.74 -19.44 24.80
N PRO A 282 -15.92 -18.10 24.88
CA PRO A 282 -16.03 -17.48 26.20
C PRO A 282 -17.30 -17.89 26.94
N ASP A 283 -17.22 -17.91 28.27
CA ASP A 283 -18.33 -18.29 29.12
C ASP A 283 -18.83 -17.08 29.90
N TYR A 284 -19.72 -16.31 29.30
CA TYR A 284 -20.18 -15.07 29.90
C TYR A 284 -21.06 -15.29 31.12
N ALA A 285 -21.91 -16.31 31.05
CA ALA A 285 -22.92 -16.60 32.08
C ALA A 285 -22.29 -16.99 33.41
N SER A 286 -21.09 -17.54 33.33
CA SER A 286 -20.25 -17.80 34.50
C SER A 286 -19.72 -16.51 35.15
N ASP A 287 -19.49 -15.46 34.36
CA ASP A 287 -18.78 -14.26 34.80
C ASP A 287 -19.57 -12.94 34.66
N PRO A 288 -20.70 -12.78 35.40
CA PRO A 288 -21.57 -11.60 35.17
C PRO A 288 -20.96 -10.25 35.56
N GLU A 289 -19.96 -10.24 36.44
CA GLU A 289 -19.30 -8.97 36.78
C GLU A 289 -18.36 -8.56 35.66
N GLY A 290 -17.63 -9.52 35.09
CA GLY A 290 -16.73 -9.26 34.00
C GLY A 290 -15.32 -9.16 34.53
N LYS A 291 -14.96 -10.12 35.37
CA LYS A 291 -13.65 -10.14 36.02
C LYS A 291 -12.61 -10.86 35.16
N VAL A 292 -13.11 -11.63 34.19
CA VAL A 292 -12.26 -12.33 33.23
C VAL A 292 -12.33 -11.65 31.87
N ILE A 293 -13.55 -11.44 31.39
CA ILE A 293 -13.78 -10.79 30.11
C ILE A 293 -14.69 -9.59 30.32
N ALA A 294 -14.10 -8.41 30.15
CA ALA A 294 -14.67 -7.15 30.58
C ALA A 294 -16.08 -6.91 30.05
N LEU A 295 -16.85 -6.13 30.80
CA LEU A 295 -18.19 -5.73 30.38
C LEU A 295 -18.16 -4.76 29.21
N ASP A 296 -17.12 -3.94 29.13
CA ASP A 296 -16.95 -3.00 28.02
C ASP A 296 -15.99 -3.52 26.94
N SER A 297 -15.55 -4.76 27.10
CA SER A 297 -14.66 -5.41 26.15
C SER A 297 -15.32 -5.50 24.77
N HIS A 298 -14.51 -5.46 23.72
CA HIS A 298 -15.01 -5.47 22.35
C HIS A 298 -15.77 -6.76 21.98
N ILE A 299 -15.19 -7.88 22.39
CA ILE A 299 -15.70 -9.22 22.16
C ILE A 299 -17.08 -9.42 22.84
N ARG A 300 -17.21 -9.01 24.11
CA ARG A 300 -18.45 -9.25 24.88
C ARG A 300 -19.63 -8.39 24.45
N LEU A 301 -19.33 -7.13 24.18
CA LEU A 301 -20.32 -6.19 23.67
C LEU A 301 -20.78 -6.60 22.26
N ALA A 302 -19.81 -6.81 21.37
CA ALA A 302 -20.09 -7.14 19.97
C ALA A 302 -20.88 -8.42 19.80
N ASN A 303 -20.65 -9.36 20.73
CA ASN A 303 -21.31 -10.63 20.74
C ASN A 303 -21.38 -11.12 22.17
N PRO A 304 -22.52 -10.89 22.85
CA PRO A 304 -22.73 -11.37 24.20
C PRO A 304 -23.15 -12.84 24.26
N ARG A 305 -23.04 -13.55 23.13
CA ARG A 305 -23.37 -14.97 23.03
C ARG A 305 -24.59 -15.35 23.86
N THR A 306 -25.78 -14.99 23.38
CA THR A 306 -27.05 -15.36 24.03
C THR A 306 -28.02 -15.89 22.97
N ALA A 307 -29.31 -15.88 23.28
CA ALA A 307 -30.33 -16.34 22.34
C ALA A 307 -30.69 -15.22 21.37
N GLU A 308 -30.91 -14.03 21.92
CA GLU A 308 -31.13 -12.84 21.11
C GLU A 308 -29.95 -12.53 20.15
N SER A 309 -28.72 -12.77 20.62
CA SER A 309 -27.49 -12.47 19.87
C SER A 309 -27.53 -13.07 18.50
N GLU A 310 -27.64 -14.40 18.47
CA GLU A 310 -27.84 -15.19 17.26
C GLU A 310 -28.33 -14.40 16.05
N SER A 311 -29.30 -13.51 16.25
CA SER A 311 -29.86 -12.76 15.13
C SER A 311 -28.92 -11.69 14.56
N SER A 312 -27.83 -11.38 15.27
CA SER A 312 -27.00 -10.24 14.94
C SER A 312 -25.59 -10.59 14.48
N LEU A 313 -25.29 -11.85 14.25
CA LEU A 313 -23.94 -12.15 13.76
C LEU A 313 -23.79 -11.87 12.28
N MET A 314 -22.54 -11.85 11.81
CA MET A 314 -22.20 -11.33 10.52
C MET A 314 -20.84 -11.87 10.08
N LEU A 315 -20.48 -11.68 8.82
CA LEU A 315 -19.18 -12.15 8.33
C LEU A 315 -18.27 -10.97 8.14
N ARG A 316 -17.16 -10.97 8.85
CA ARG A 316 -16.21 -9.88 8.77
C ARG A 316 -15.11 -10.29 7.84
N ARG A 317 -14.76 -9.37 6.95
CA ARG A 317 -13.82 -9.65 5.90
C ARG A 317 -12.95 -8.40 5.78
N GLY A 318 -12.52 -7.88 6.93
CA GLY A 318 -11.78 -6.62 7.01
C GLY A 318 -10.35 -6.75 6.57
N TYR A 319 -9.74 -5.63 6.21
CA TYR A 319 -8.33 -5.54 5.81
C TYR A 319 -7.60 -4.43 6.57
N SER A 320 -6.29 -4.55 6.68
CA SER A 320 -5.45 -3.49 7.24
C SER A 320 -5.08 -2.48 6.17
N TYR A 321 -4.91 -1.22 6.59
CA TYR A 321 -4.31 -0.18 5.74
C TYR A 321 -3.18 0.58 6.43
N SER A 322 -2.26 1.09 5.63
CA SER A 322 -1.16 1.88 6.13
C SER A 322 -0.80 2.93 5.07
N LEU A 323 -1.03 4.20 5.37
CA LEU A 323 -0.88 5.28 4.38
C LEU A 323 0.32 6.20 4.60
N GLY A 324 0.07 7.43 5.02
CA GLY A 324 1.17 8.32 5.37
C GLY A 324 1.06 8.85 6.79
N VAL A 325 1.12 10.18 6.88
CA VAL A 325 1.05 10.87 8.17
C VAL A 325 -0.20 11.73 8.13
N THR A 326 -1.04 11.58 9.16
CA THR A 326 -2.20 12.44 9.36
C THR A 326 -1.78 13.90 9.42
N ASN A 327 -2.76 14.79 9.30
CA ASN A 327 -2.51 16.24 9.35
C ASN A 327 -1.81 16.68 10.64
N SER A 328 -2.17 16.05 11.74
CA SER A 328 -1.59 16.38 13.05
C SER A 328 -0.25 15.70 13.39
N GLY A 329 0.38 15.03 12.42
CA GLY A 329 1.71 14.46 12.62
C GLY A 329 1.83 13.00 13.09
N GLN A 330 0.70 12.31 13.27
CA GLN A 330 0.70 10.88 13.67
C GLN A 330 0.66 9.95 12.45
N LEU A 331 0.85 8.64 12.69
CA LEU A 331 0.81 7.62 11.63
C LEU A 331 -0.60 7.34 11.17
N ASP A 332 -0.81 7.44 9.85
CA ASP A 332 -2.09 7.09 9.26
C ASP A 332 -2.15 5.59 9.03
N MET A 333 -2.90 4.91 9.90
CA MET A 333 -3.04 3.45 9.88
C MET A 333 -4.37 3.07 10.51
N GLY A 334 -4.87 1.92 10.12
CA GLY A 334 -6.14 1.45 10.61
C GLY A 334 -6.64 0.27 9.83
N LEU A 335 -7.94 0.02 9.99
CA LEU A 335 -8.67 -1.09 9.38
C LEU A 335 -9.67 -0.63 8.32
N LEU A 336 -9.64 -1.28 7.16
CA LEU A 336 -10.75 -1.19 6.20
C LEU A 336 -11.74 -2.28 6.60
N PHE A 337 -12.78 -1.91 7.35
CA PHE A 337 -13.67 -2.88 7.98
C PHE A 337 -14.84 -3.14 7.08
N VAL A 338 -14.99 -4.38 6.65
CA VAL A 338 -16.12 -4.72 5.77
C VAL A 338 -16.85 -5.93 6.34
N CYS A 339 -18.17 -5.85 6.44
CA CYS A 339 -18.93 -7.02 6.85
C CYS A 339 -20.16 -7.19 6.00
N TYR A 340 -20.67 -8.42 6.03
CA TYR A 340 -21.85 -8.83 5.28
C TYR A 340 -22.90 -9.47 6.17
N GLN A 341 -24.16 -9.10 5.95
CA GLN A 341 -25.26 -9.66 6.75
C GLN A 341 -26.50 -9.74 5.88
N HIS A 342 -27.46 -10.58 6.25
CA HIS A 342 -28.74 -10.66 5.53
C HIS A 342 -29.64 -9.44 5.82
N ASP A 343 -29.46 -8.82 6.97
CA ASP A 343 -30.24 -7.64 7.34
C ASP A 343 -29.39 -6.59 8.08
N LEU A 344 -29.29 -5.40 7.49
CA LEU A 344 -28.43 -4.31 7.98
C LEU A 344 -28.79 -3.84 9.39
N GLU A 345 -30.09 -3.74 9.66
CA GLU A 345 -30.57 -3.38 10.99
C GLU A 345 -30.19 -4.50 11.98
N LYS A 346 -30.67 -5.72 11.72
CA LYS A 346 -30.33 -6.88 12.53
C LYS A 346 -28.81 -7.07 12.68
N GLY A 347 -28.04 -6.57 11.72
CA GLY A 347 -26.62 -6.86 11.66
C GLY A 347 -25.78 -5.76 12.23
N PHE A 348 -25.06 -5.06 11.34
CA PHE A 348 -24.09 -4.03 11.75
C PHE A 348 -24.70 -3.02 12.71
N LEU A 349 -25.83 -2.43 12.33
CA LEU A 349 -26.49 -1.44 13.17
C LEU A 349 -26.66 -1.94 14.59
N THR A 350 -27.06 -3.19 14.75
CA THR A 350 -27.35 -3.75 16.06
C THR A 350 -26.08 -3.93 16.88
N VAL A 351 -25.04 -4.43 16.23
CA VAL A 351 -23.76 -4.62 16.90
C VAL A 351 -23.08 -3.30 17.26
N GLN A 352 -23.17 -2.29 16.40
CA GLN A 352 -22.52 -1.01 16.70
C GLN A 352 -23.24 -0.24 17.83
N LYS A 353 -24.56 -0.36 17.88
CA LYS A 353 -25.31 0.21 18.98
C LYS A 353 -24.74 -0.32 20.29
N ARG A 354 -24.39 -1.61 20.31
CA ARG A 354 -23.92 -2.23 21.55
C ARG A 354 -22.50 -1.81 21.80
N LEU A 355 -21.78 -1.53 20.73
CA LEU A 355 -20.37 -1.20 20.84
C LEU A 355 -20.14 0.25 21.28
N ASN A 356 -21.18 1.07 21.17
CA ASN A 356 -21.06 2.47 21.51
C ASN A 356 -20.57 2.67 22.95
N GLY A 357 -19.41 3.31 23.07
CA GLY A 357 -18.83 3.51 24.38
C GLY A 357 -17.94 2.38 24.89
N GLU A 358 -17.60 1.44 24.02
CA GLU A 358 -16.66 0.40 24.39
C GLU A 358 -15.30 1.03 24.65
N ALA A 359 -14.45 0.26 25.33
CA ALA A 359 -13.12 0.73 25.74
C ALA A 359 -12.23 1.10 24.55
N LEU A 360 -12.40 0.38 23.45
CA LEU A 360 -11.61 0.58 22.24
C LEU A 360 -11.73 1.99 21.64
N GLU A 361 -12.89 2.63 21.82
CA GLU A 361 -13.15 3.98 21.30
C GLU A 361 -12.08 5.01 21.66
N GLU A 362 -11.28 4.70 22.68
CA GLU A 362 -10.10 5.53 22.97
C GLU A 362 -9.03 5.46 21.87
N TYR A 363 -8.96 4.33 21.17
CA TYR A 363 -7.84 4.01 20.29
C TYR A 363 -8.22 3.91 18.83
N VAL A 364 -9.50 4.11 18.52
CA VAL A 364 -9.94 4.07 17.12
C VAL A 364 -10.85 5.25 16.76
N LYS A 365 -10.80 5.66 15.50
CA LYS A 365 -11.56 6.81 15.06
C LYS A 365 -12.08 6.51 13.66
N PRO A 366 -13.38 6.20 13.56
CA PRO A 366 -14.02 5.99 12.28
C PRO A 366 -14.17 7.30 11.52
N ILE A 367 -13.72 7.30 10.27
CA ILE A 367 -13.61 8.54 9.52
C ILE A 367 -14.29 8.46 8.19
N GLY A 368 -14.63 7.25 7.75
CA GLY A 368 -15.27 7.07 6.45
C GLY A 368 -16.08 5.78 6.33
N GLY A 369 -16.45 5.43 5.09
CA GLY A 369 -17.25 4.21 4.86
C GLY A 369 -18.64 4.47 4.34
N GLY A 370 -19.56 3.55 4.63
CA GLY A 370 -20.94 3.63 4.15
C GLY A 370 -21.65 2.29 4.06
N TYR A 371 -22.97 2.33 3.83
CA TYR A 371 -23.80 1.14 3.72
C TYR A 371 -24.14 0.94 2.28
N PHE A 372 -23.98 -0.30 1.85
CA PHE A 372 -24.27 -0.67 0.49
C PHE A 372 -25.07 -1.99 0.47
N PHE A 373 -25.77 -2.25 -0.63
CA PHE A 373 -26.36 -3.56 -0.84
C PHE A 373 -25.59 -4.32 -1.90
N ALA A 374 -24.93 -5.39 -1.50
CA ALA A 374 -24.18 -6.17 -2.46
C ALA A 374 -25.11 -7.05 -3.31
N LEU A 375 -25.12 -6.75 -4.61
CA LEU A 375 -25.97 -7.41 -5.60
C LEU A 375 -25.91 -8.93 -5.54
N PRO A 376 -26.99 -9.60 -5.96
CA PRO A 376 -26.89 -11.05 -6.24
C PRO A 376 -25.85 -11.36 -7.32
N GLY A 377 -25.54 -12.63 -7.48
CA GLY A 377 -24.55 -13.03 -8.46
C GLY A 377 -25.10 -12.89 -9.86
N VAL A 378 -24.20 -12.76 -10.82
CA VAL A 378 -24.57 -12.80 -12.23
C VAL A 378 -24.65 -14.27 -12.68
N LYS A 379 -25.87 -14.72 -12.92
CA LYS A 379 -26.17 -16.15 -13.14
C LYS A 379 -25.24 -16.87 -14.13
N ASP A 380 -24.89 -16.18 -15.23
CA ASP A 380 -23.99 -16.68 -16.28
C ASP A 380 -23.75 -15.59 -17.32
N ALA A 381 -23.21 -15.98 -18.48
CA ALA A 381 -22.73 -15.01 -19.46
C ALA A 381 -23.87 -14.37 -20.21
N ASN A 382 -25.06 -14.96 -20.05
CA ASN A 382 -26.31 -14.39 -20.57
C ASN A 382 -26.97 -13.45 -19.58
N ASP A 383 -26.42 -13.34 -18.37
CA ASP A 383 -26.97 -12.45 -17.34
C ASP A 383 -26.10 -11.19 -17.09
N TYR A 384 -26.65 -10.23 -16.35
CA TYR A 384 -25.91 -8.99 -16.02
C TYR A 384 -26.25 -8.42 -14.63
N PHE A 385 -25.36 -7.60 -14.09
CA PHE A 385 -25.57 -7.04 -12.76
C PHE A 385 -26.90 -6.37 -12.63
N GLY A 386 -27.64 -6.72 -11.59
CA GLY A 386 -28.95 -6.12 -11.29
C GLY A 386 -29.95 -6.19 -12.43
N SER A 387 -29.91 -7.29 -13.19
CA SER A 387 -30.86 -7.51 -14.27
C SER A 387 -32.27 -7.63 -13.68
N ALA A 388 -32.40 -8.33 -12.55
CA ALA A 388 -33.71 -8.47 -11.91
C ALA A 388 -34.25 -7.11 -11.47
N LEU A 389 -33.39 -6.29 -10.85
CA LEU A 389 -33.72 -4.93 -10.44
C LEU A 389 -34.29 -4.02 -11.56
N LEU A 390 -33.57 -3.93 -12.68
CA LEU A 390 -33.99 -3.06 -13.79
C LEU A 390 -35.21 -3.60 -14.57
N ARG A 391 -35.14 -4.85 -15.02
CA ARG A 391 -36.18 -5.47 -15.87
C ARG A 391 -37.60 -4.98 -15.63
N VAL A 392 -38.10 -5.13 -14.39
CA VAL A 392 -39.47 -4.69 -14.05
C VAL A 392 -39.49 -4.05 -12.67
N SER B 9 17.83 -3.60 -15.66
CA SER B 9 18.18 -4.83 -14.89
C SER B 9 18.95 -4.61 -13.57
N ALA B 10 19.93 -3.71 -13.54
CA ALA B 10 20.58 -3.38 -12.26
C ALA B 10 19.63 -2.53 -11.42
N PRO B 11 19.62 -2.72 -10.08
CA PRO B 11 20.39 -3.62 -9.20
C PRO B 11 19.88 -5.05 -9.07
N GLY B 12 18.85 -5.40 -9.82
CA GLY B 12 18.22 -6.72 -9.68
C GLY B 12 16.95 -6.66 -8.84
N THR B 13 16.37 -7.82 -8.56
CA THR B 13 15.26 -7.91 -7.61
C THR B 13 15.41 -9.15 -6.74
N LEU B 14 14.70 -9.15 -5.60
CA LEU B 14 14.65 -10.30 -4.68
C LEU B 14 13.22 -10.81 -4.48
N SER B 15 13.06 -12.11 -4.24
CA SER B 15 11.72 -12.69 -4.17
C SER B 15 10.97 -12.25 -2.94
N PRO B 16 9.67 -11.96 -3.10
CA PRO B 16 8.77 -11.59 -2.02
C PRO B 16 8.49 -12.73 -1.03
N ASP B 17 8.78 -13.97 -1.43
CA ASP B 17 8.48 -15.15 -0.61
C ASP B 17 9.67 -15.63 0.24
N ALA B 18 10.80 -14.94 0.14
CA ALA B 18 12.02 -15.34 0.85
C ALA B 18 12.03 -14.90 2.32
N ARG B 19 11.03 -15.32 3.08
CA ARG B 19 10.88 -14.94 4.50
C ARG B 19 12.17 -14.95 5.34
N ASN B 20 13.10 -15.84 4.97
CA ASN B 20 14.27 -16.15 5.77
C ASN B 20 15.59 -15.56 5.27
N GLU B 21 15.57 -15.00 4.06
CA GLU B 21 16.77 -14.43 3.45
C GLU B 21 17.23 -13.19 4.21
N LYS B 22 18.54 -13.05 4.41
CA LYS B 22 19.10 -11.96 5.19
C LYS B 22 19.99 -11.11 4.30
N GLN B 23 19.87 -9.80 4.40
CA GLN B 23 20.86 -8.93 3.74
C GLN B 23 21.84 -8.38 4.77
N PRO B 24 23.14 -8.44 4.48
CA PRO B 24 24.11 -8.02 5.48
C PRO B 24 23.90 -6.55 5.85
N PHE B 25 23.63 -6.31 7.14
CA PHE B 25 23.55 -4.96 7.67
C PHE B 25 24.94 -4.33 7.78
N TYR B 26 25.91 -5.10 8.30
CA TYR B 26 27.28 -4.61 8.42
C TYR B 26 28.02 -4.69 7.09
N GLY B 27 28.77 -3.63 6.78
CA GLY B 27 29.59 -3.56 5.59
C GLY B 27 30.41 -2.28 5.52
N GLU B 28 31.25 -2.18 4.48
CA GLU B 28 31.98 -0.95 4.17
C GLU B 28 30.94 0.11 3.82
N HIS B 29 29.88 -0.35 3.16
CA HIS B 29 28.80 0.51 2.72
C HIS B 29 27.50 0.13 3.41
N GLN B 30 26.47 0.95 3.24
CA GLN B 30 25.16 0.62 3.77
C GLN B 30 24.43 -0.27 2.78
N ALA B 31 23.63 -1.19 3.29
CA ALA B 31 22.73 -2.01 2.45
C ALA B 31 21.56 -1.15 1.93
N GLY B 32 20.85 -1.64 0.92
CA GLY B 32 19.72 -0.89 0.36
C GLY B 32 20.14 0.25 -0.55
N ILE B 33 21.22 0.03 -1.29
CA ILE B 33 21.73 0.95 -2.33
C ILE B 33 22.05 0.09 -3.55
N LEU B 34 23.10 -0.72 -3.45
CA LEU B 34 23.40 -1.75 -4.45
C LEU B 34 22.49 -2.97 -4.32
N THR B 35 21.93 -3.15 -3.13
CA THR B 35 21.00 -4.25 -2.85
C THR B 35 19.88 -4.40 -3.90
N PRO B 36 19.71 -5.62 -4.46
CA PRO B 36 18.57 -5.83 -5.34
C PRO B 36 17.25 -5.47 -4.65
N GLN B 37 16.42 -4.74 -5.38
CA GLN B 37 15.17 -4.22 -4.88
C GLN B 37 14.26 -5.27 -4.28
N GLN B 38 13.90 -5.09 -3.02
CA GLN B 38 12.91 -5.92 -2.35
C GLN B 38 11.54 -5.49 -2.83
N ALA B 39 10.52 -6.29 -2.54
CA ALA B 39 9.18 -6.05 -3.05
C ALA B 39 8.42 -4.91 -2.37
N ALA B 40 8.76 -4.60 -1.13
CA ALA B 40 8.13 -3.52 -0.41
C ALA B 40 9.16 -2.48 0.05
N MET B 41 8.77 -1.22 0.03
CA MET B 41 9.62 -0.14 0.52
C MET B 41 8.84 0.87 1.34
N MET B 42 9.50 1.44 2.34
CA MET B 42 8.99 2.63 3.01
C MET B 42 10.05 3.71 2.98
N LEU B 43 9.58 4.93 2.74
CA LEU B 43 10.36 6.14 2.91
C LEU B 43 9.71 6.96 4.01
N VAL B 44 10.42 7.10 5.13
CA VAL B 44 9.87 7.80 6.29
C VAL B 44 10.91 8.76 6.82
N ALA B 45 10.51 10.03 6.85
CA ALA B 45 11.40 11.10 7.26
C ALA B 45 11.11 11.51 8.71
N PHE B 46 12.16 11.88 9.42
CA PHE B 46 12.00 12.29 10.80
C PHE B 46 12.61 13.64 11.07
N ASP B 47 11.97 14.39 11.94
CA ASP B 47 12.63 15.52 12.57
C ASP B 47 13.28 15.04 13.87
N VAL B 48 14.48 15.54 14.12
CA VAL B 48 15.30 15.07 15.24
C VAL B 48 15.10 15.93 16.48
N LEU B 49 14.70 15.27 17.56
CA LEU B 49 14.43 15.96 18.81
C LEU B 49 15.62 15.96 19.76
N ALA B 50 16.78 15.49 19.30
CA ALA B 50 18.01 15.49 20.10
C ALA B 50 18.37 16.91 20.53
N SER B 51 18.79 17.04 21.78
CA SER B 51 19.05 18.35 22.38
C SER B 51 20.48 18.83 22.12
N ASP B 52 21.41 17.91 21.94
CA ASP B 52 22.80 18.26 21.66
C ASP B 52 23.56 17.09 21.03
N LYS B 53 24.77 17.36 20.55
CA LYS B 53 25.64 16.38 19.89
C LYS B 53 25.70 15.04 20.63
N ALA B 54 25.84 15.08 21.95
CA ALA B 54 25.84 13.88 22.79
C ALA B 54 24.53 13.11 22.70
N ASP B 55 23.41 13.85 22.70
CA ASP B 55 22.08 13.25 22.55
C ASP B 55 21.92 12.68 21.14
N LEU B 56 22.64 13.26 20.18
CA LEU B 56 22.61 12.80 18.81
C LEU B 56 23.36 11.48 18.65
N GLU B 57 24.53 11.39 19.28
CA GLU B 57 25.29 10.15 19.34
C GLU B 57 24.44 9.01 19.95
N ARG B 58 23.72 9.33 21.02
CA ARG B 58 22.81 8.38 21.67
C ARG B 58 21.87 7.76 20.64
N LEU B 59 21.23 8.63 19.85
CA LEU B 59 20.31 8.24 18.78
C LEU B 59 20.96 7.30 17.76
N PHE B 60 22.11 7.70 17.23
CA PHE B 60 22.79 6.90 16.20
C PHE B 60 23.26 5.55 16.73
N ARG B 61 23.65 5.53 18.01
CA ARG B 61 24.01 4.30 18.72
C ARG B 61 22.79 3.40 18.89
N LEU B 62 21.71 4.00 19.36
CA LEU B 62 20.42 3.34 19.49
C LEU B 62 19.95 2.75 18.16
N LEU B 63 20.13 3.50 17.07
CA LEU B 63 19.65 3.03 15.77
C LEU B 63 20.42 1.82 15.29
N THR B 64 21.74 1.92 15.32
CA THR B 64 22.61 0.83 14.94
C THR B 64 22.13 -0.46 15.59
N GLN B 65 22.04 -0.44 16.92
CA GLN B 65 21.51 -1.58 17.69
C GLN B 65 20.22 -2.11 17.05
N ARG B 66 19.23 -1.24 16.86
CA ARG B 66 17.91 -1.66 16.36
C ARG B 66 17.94 -2.24 14.94
N PHE B 67 18.68 -1.60 14.06
CA PHE B 67 18.78 -2.04 12.67
C PHE B 67 19.46 -3.40 12.64
N ALA B 68 20.59 -3.52 13.35
CA ALA B 68 21.34 -4.77 13.42
C ALA B 68 20.44 -5.93 13.82
N PHE B 69 19.51 -5.68 14.75
CA PHE B 69 18.57 -6.71 15.19
C PHE B 69 17.50 -7.02 14.14
N LEU B 70 16.80 -5.98 13.68
CA LEU B 70 15.65 -6.16 12.80
C LEU B 70 16.07 -6.82 11.50
N THR B 71 17.28 -6.51 11.07
CA THR B 71 17.77 -6.88 9.76
C THR B 71 18.16 -8.36 9.68
N GLN B 72 18.75 -8.88 10.75
CA GLN B 72 19.11 -10.29 10.81
C GLN B 72 18.05 -11.10 11.56
N GLY B 73 17.09 -10.41 12.18
CA GLY B 73 15.91 -11.06 12.75
C GLY B 73 16.16 -11.84 14.02
N GLY B 74 15.09 -12.43 14.56
CA GLY B 74 15.16 -13.17 15.82
C GLY B 74 13.82 -13.34 16.51
N ALA B 75 13.83 -13.97 17.69
CA ALA B 75 12.61 -14.10 18.47
C ALA B 75 12.15 -12.71 18.88
N ALA B 76 10.83 -12.51 18.87
CA ALA B 76 10.25 -11.23 19.29
C ALA B 76 10.60 -10.93 20.77
N PRO B 77 10.78 -9.65 21.09
CA PRO B 77 10.99 -9.29 22.49
C PRO B 77 9.68 -9.43 23.30
N GLU B 78 9.67 -10.38 24.24
CA GLU B 78 8.47 -10.69 25.02
C GLU B 78 8.30 -9.76 26.24
N THR B 79 7.10 -9.81 26.81
CA THR B 79 6.66 -8.90 27.86
C THR B 79 6.26 -9.69 29.14
N PRO B 80 7.26 -9.96 30.02
CA PRO B 80 7.04 -10.70 31.26
C PRO B 80 6.15 -9.95 32.24
N ASN B 81 6.15 -8.62 32.16
CA ASN B 81 5.24 -7.80 32.94
C ASN B 81 4.16 -7.17 32.06
N PRO B 82 2.94 -7.75 32.06
CA PRO B 82 1.82 -7.25 31.26
C PRO B 82 1.51 -5.80 31.55
N ARG B 83 1.93 -5.34 32.73
CA ARG B 83 1.73 -3.97 33.16
C ARG B 83 2.54 -2.96 32.35
N LEU B 84 3.49 -3.47 31.55
CA LEU B 84 4.28 -2.62 30.67
C LEU B 84 3.77 -2.73 29.23
N PRO B 85 4.03 -1.71 28.39
CA PRO B 85 3.67 -1.88 26.97
C PRO B 85 4.46 -3.04 26.37
N PRO B 86 3.87 -3.81 25.43
CA PRO B 86 4.61 -4.92 24.84
C PRO B 86 5.78 -4.39 24.10
N LEU B 87 6.93 -5.03 24.27
CA LEU B 87 8.15 -4.55 23.68
C LEU B 87 8.12 -4.67 22.17
N ASP B 88 7.15 -5.42 21.65
CA ASP B 88 6.95 -5.55 20.22
C ASP B 88 5.45 -5.37 19.87
N SER B 89 5.17 -4.87 18.67
CA SER B 89 3.78 -4.64 18.25
C SER B 89 3.02 -5.95 18.07
N GLY B 90 3.75 -7.03 17.79
CA GLY B 90 3.15 -8.35 17.65
C GLY B 90 2.55 -8.61 16.28
N ILE B 91 2.77 -7.68 15.35
CA ILE B 91 2.18 -7.80 14.00
C ILE B 91 2.89 -8.77 13.06
N LEU B 92 4.00 -9.36 13.52
CA LEU B 92 4.65 -10.49 12.82
C LEU B 92 4.55 -11.79 13.64
N GLY B 93 3.64 -11.81 14.61
CA GLY B 93 3.58 -12.91 15.57
C GLY B 93 4.82 -12.97 16.44
N GLY B 94 5.19 -14.20 16.84
CA GLY B 94 6.25 -14.40 17.82
C GLY B 94 7.67 -14.64 17.32
N TYR B 95 7.95 -14.19 16.10
CA TYR B 95 9.31 -14.26 15.55
C TYR B 95 9.47 -13.18 14.50
N ILE B 96 10.61 -12.51 14.55
CA ILE B 96 10.90 -11.39 13.63
C ILE B 96 11.88 -11.83 12.54
N ALA B 97 11.35 -12.34 11.43
CA ALA B 97 12.17 -12.90 10.36
C ALA B 97 12.79 -11.76 9.56
N PRO B 98 14.07 -11.91 9.13
CA PRO B 98 14.78 -10.89 8.37
C PRO B 98 14.03 -10.40 7.13
N ASP B 99 13.53 -11.34 6.31
CA ASP B 99 12.65 -11.05 5.17
C ASP B 99 13.35 -10.11 4.15
N ASN B 100 14.67 -10.23 4.07
CA ASN B 100 15.54 -9.32 3.30
C ASN B 100 15.49 -7.86 3.69
N LEU B 101 15.03 -7.57 4.91
CA LEU B 101 14.88 -6.20 5.35
C LEU B 101 16.18 -5.45 5.31
N THR B 102 16.16 -4.25 4.70
CA THR B 102 17.30 -3.33 4.76
C THR B 102 16.85 -1.95 5.19
N ILE B 103 17.62 -1.31 6.05
CA ILE B 103 17.26 0.03 6.50
C ILE B 103 18.42 0.98 6.27
N THR B 104 18.22 1.93 5.37
CA THR B 104 19.28 2.83 4.97
C THR B 104 19.02 4.20 5.57
N LEU B 105 19.95 4.65 6.42
CA LEU B 105 19.81 5.90 7.12
C LEU B 105 20.57 7.02 6.39
N SER B 106 19.91 8.15 6.19
CA SER B 106 20.48 9.30 5.48
C SER B 106 20.15 10.61 6.19
N VAL B 107 21.05 11.59 6.07
CA VAL B 107 20.93 12.85 6.82
C VAL B 107 20.64 14.07 5.91
N GLY B 108 19.70 14.91 6.32
CA GLY B 108 19.29 16.06 5.52
C GLY B 108 20.13 17.29 5.83
N HIS B 109 20.06 18.30 4.97
CA HIS B 109 20.87 19.50 5.15
C HIS B 109 20.67 20.16 6.51
N SER B 110 19.41 20.26 6.93
CA SER B 110 19.03 20.90 8.20
C SER B 110 19.77 20.37 9.45
N LEU B 111 20.28 19.14 9.36
CA LEU B 111 21.00 18.52 10.46
C LEU B 111 22.32 19.22 10.77
N PHE B 112 22.80 20.02 9.82
CA PHE B 112 24.10 20.65 9.93
C PHE B 112 23.99 22.13 10.26
N ASP B 113 23.05 22.46 11.14
CA ASP B 113 22.96 23.83 11.63
C ASP B 113 23.45 23.97 13.08
N GLU B 114 23.21 25.14 13.67
CA GLU B 114 23.61 25.48 15.04
C GLU B 114 23.33 24.41 16.10
N ARG B 115 22.40 23.49 15.81
CA ARG B 115 21.90 22.55 16.81
C ARG B 115 22.88 21.48 17.31
N PHE B 116 23.83 21.07 16.47
CA PHE B 116 24.71 19.94 16.81
C PHE B 116 26.18 20.20 16.51
N GLY B 117 26.45 21.38 15.94
CA GLY B 117 27.81 21.82 15.65
C GLY B 117 28.52 21.04 14.57
N LEU B 118 27.80 20.73 13.48
CA LEU B 118 28.30 19.91 12.38
C LEU B 118 28.49 20.68 11.08
N ALA B 119 28.10 21.96 11.09
CA ALA B 119 28.21 22.82 9.91
C ALA B 119 29.51 22.65 9.11
N PRO B 120 30.70 22.69 9.76
CA PRO B 120 31.96 22.63 8.98
C PRO B 120 32.25 21.26 8.39
N GLN B 121 31.55 20.25 8.90
CA GLN B 121 31.70 18.89 8.37
C GLN B 121 30.57 18.49 7.41
N MET B 122 29.87 19.48 6.87
CA MET B 122 28.84 19.25 5.86
C MET B 122 29.46 18.70 4.59
N PRO B 123 28.72 17.78 3.90
CA PRO B 123 29.02 17.42 2.51
C PRO B 123 28.89 18.66 1.63
N LYS B 124 29.83 18.78 0.70
CA LYS B 124 30.06 20.04 -0.02
C LYS B 124 28.93 20.40 -0.98
N LYS B 125 28.33 19.39 -1.60
CA LYS B 125 27.30 19.62 -2.60
C LYS B 125 25.89 19.53 -2.02
N LEU B 126 25.81 19.02 -0.79
CA LEU B 126 24.57 18.92 -0.05
C LEU B 126 23.86 20.27 0.13
N GLN B 127 22.60 20.32 -0.26
CA GLN B 127 21.79 21.52 -0.08
C GLN B 127 20.34 21.14 0.23
N LYS B 128 19.48 22.15 0.41
CA LYS B 128 18.06 21.95 0.57
C LYS B 128 17.45 21.81 -0.81
N MET B 129 16.42 20.98 -0.94
CA MET B 129 15.71 20.84 -2.21
C MET B 129 14.91 22.10 -2.44
N THR B 130 15.08 22.67 -3.63
CA THR B 130 14.31 23.86 -4.04
C THR B 130 13.51 23.50 -5.28
N ARG B 131 12.35 24.11 -5.45
CA ARG B 131 11.46 23.77 -6.57
C ARG B 131 12.16 23.84 -7.92
N PHE B 132 11.69 22.97 -8.83
CA PHE B 132 12.07 22.93 -10.24
C PHE B 132 10.82 23.32 -11.02
N PRO B 133 11.00 23.80 -12.27
CA PRO B 133 9.92 24.25 -13.16
C PRO B 133 8.57 23.54 -13.02
N ASN B 134 8.53 22.20 -13.06
CA ASN B 134 7.24 21.52 -13.07
C ASN B 134 6.69 21.18 -11.68
N ASP B 135 7.49 21.44 -10.64
CA ASP B 135 7.15 21.03 -9.27
C ASP B 135 5.87 21.61 -8.69
N SER B 136 5.25 20.85 -7.79
CA SER B 136 4.18 21.33 -6.94
C SER B 136 4.53 20.84 -5.55
N LEU B 137 5.69 21.26 -5.06
CA LEU B 137 6.16 20.81 -3.77
C LEU B 137 5.18 21.17 -2.66
N ASP B 138 4.72 20.15 -1.94
CA ASP B 138 3.94 20.31 -0.74
C ASP B 138 4.93 20.19 0.43
N ALA B 139 4.94 21.20 1.30
CA ALA B 139 5.88 21.25 2.42
C ALA B 139 5.71 20.10 3.42
N ALA B 140 4.48 19.57 3.53
CA ALA B 140 4.22 18.47 4.46
C ALA B 140 5.15 17.27 4.16
N LEU B 141 5.59 17.20 2.90
CA LEU B 141 6.24 16.04 2.32
C LEU B 141 7.67 16.33 1.82
N CYS B 142 8.29 17.39 2.33
CA CYS B 142 9.67 17.71 1.96
C CYS B 142 10.64 17.75 3.13
N HIS B 143 11.87 17.36 2.84
CA HIS B 143 13.04 17.50 3.72
C HIS B 143 12.97 16.60 4.95
N GLY B 144 13.52 17.05 6.08
CA GLY B 144 13.66 16.22 7.28
C GLY B 144 15.12 16.08 7.64
N ASP B 145 15.39 16.01 8.93
CA ASP B 145 16.75 15.87 9.41
C ASP B 145 17.33 14.52 9.08
N VAL B 146 16.51 13.49 9.24
CA VAL B 146 16.92 12.16 8.80
C VAL B 146 15.80 11.53 7.99
N LEU B 147 16.20 10.74 6.98
CA LEU B 147 15.27 9.87 6.26
C LEU B 147 15.65 8.41 6.51
N LEU B 148 14.64 7.56 6.65
CA LEU B 148 14.91 6.12 6.62
C LEU B 148 14.34 5.51 5.35
N GLN B 149 15.11 4.64 4.70
CA GLN B 149 14.61 3.84 3.58
C GLN B 149 14.46 2.39 4.07
N ILE B 150 13.22 1.95 4.24
CA ILE B 150 12.97 0.66 4.84
C ILE B 150 12.44 -0.28 3.79
N CYS B 151 13.23 -1.28 3.45
CA CYS B 151 12.92 -2.18 2.36
C CYS B 151 12.93 -3.62 2.86
N ALA B 152 11.98 -4.41 2.36
CA ALA B 152 11.85 -5.80 2.74
C ALA B 152 10.94 -6.55 1.75
N ASN B 153 10.93 -7.88 1.86
CA ASN B 153 10.04 -8.70 1.03
C ASN B 153 8.56 -8.31 1.16
N THR B 154 8.12 -7.93 2.35
CA THR B 154 6.70 -7.67 2.54
C THR B 154 6.43 -6.39 3.31
N GLN B 155 5.19 -5.95 3.23
CA GLN B 155 4.80 -4.69 3.84
C GLN B 155 4.95 -4.83 5.34
N ASP B 156 4.47 -5.96 5.85
CA ASP B 156 4.54 -6.32 7.25
C ASP B 156 5.87 -5.98 7.88
N THR B 157 6.96 -6.48 7.27
CA THR B 157 8.30 -6.36 7.83
C THR B 157 8.73 -4.90 7.98
N VAL B 158 8.31 -4.10 7.02
CA VAL B 158 8.63 -2.70 6.90
C VAL B 158 7.89 -1.91 7.98
N ILE B 159 6.59 -2.11 8.00
CA ILE B 159 5.70 -1.55 9.00
C ILE B 159 6.11 -1.98 10.41
N HIS B 160 6.64 -3.20 10.52
CA HIS B 160 7.14 -3.67 11.80
C HIS B 160 8.39 -2.91 12.27
N ALA B 161 9.31 -2.67 11.33
CA ALA B 161 10.54 -1.97 11.65
C ALA B 161 10.25 -0.54 12.17
N LEU B 162 9.39 0.18 11.47
CA LEU B 162 9.04 1.55 11.83
C LEU B 162 8.61 1.67 13.29
N ARG B 163 7.60 0.88 13.63
CA ARG B 163 6.97 0.99 14.93
C ARG B 163 7.91 0.61 16.05
N ASP B 164 8.80 -0.35 15.77
CA ASP B 164 9.93 -0.63 16.63
C ASP B 164 10.80 0.61 16.80
N ILE B 165 11.19 1.23 15.69
CA ILE B 165 12.02 2.41 15.79
C ILE B 165 11.33 3.48 16.62
N ILE B 166 10.10 3.82 16.23
CA ILE B 166 9.28 4.79 16.97
C ILE B 166 9.23 4.48 18.48
N LYS B 167 8.84 3.25 18.82
CA LYS B 167 8.82 2.77 20.20
C LYS B 167 10.13 3.08 20.95
N HIS B 168 11.27 2.89 20.29
CA HIS B 168 12.55 3.13 20.96
C HIS B 168 13.08 4.58 20.93
N THR B 169 12.35 5.50 20.31
CA THR B 169 12.88 6.86 20.08
C THR B 169 11.91 8.05 20.34
N PRO B 170 11.03 7.95 21.36
CA PRO B 170 9.93 8.93 21.47
C PRO B 170 10.33 10.32 21.99
N ASP B 171 11.52 10.41 22.57
CA ASP B 171 12.10 11.67 23.00
C ASP B 171 13.22 12.01 22.03
N LEU B 172 13.32 11.24 20.95
CA LEU B 172 14.49 11.33 20.07
C LEU B 172 14.21 11.59 18.60
N LEU B 173 13.05 11.12 18.12
CA LEU B 173 12.61 11.30 16.72
C LEU B 173 11.13 11.66 16.62
N SER B 174 10.77 12.36 15.56
CA SER B 174 9.39 12.75 15.34
C SER B 174 9.05 12.60 13.87
N VAL B 175 8.10 11.71 13.58
CA VAL B 175 7.74 11.37 12.20
C VAL B 175 7.27 12.60 11.42
N ARG B 176 7.87 12.82 10.25
CA ARG B 176 7.65 14.02 9.48
C ARG B 176 6.78 13.77 8.25
N TRP B 177 7.22 12.91 7.35
CA TRP B 177 6.34 12.37 6.30
C TRP B 177 6.64 10.90 6.03
N LYS B 178 5.74 10.22 5.33
CA LYS B 178 5.96 8.83 4.96
C LYS B 178 5.09 8.34 3.79
N ARG B 179 5.72 7.58 2.90
CA ARG B 179 5.06 6.92 1.78
C ARG B 179 5.59 5.50 1.69
N GLU B 180 4.69 4.59 1.39
CA GLU B 180 5.03 3.21 1.18
C GLU B 180 4.81 2.92 -0.29
N GLY B 181 5.54 1.93 -0.81
CA GLY B 181 5.37 1.49 -2.19
C GLY B 181 5.89 0.09 -2.50
N PHE B 182 5.98 -0.21 -3.80
CA PHE B 182 6.32 -1.56 -4.24
C PHE B 182 6.99 -1.58 -5.61
N ILE B 183 7.73 -2.65 -5.89
CA ILE B 183 8.05 -3.01 -7.28
C ILE B 183 7.08 -4.09 -7.78
N SER B 184 7.02 -4.23 -9.11
CA SER B 184 5.97 -4.99 -9.79
C SER B 184 6.14 -6.49 -9.57
N ASP B 185 5.06 -7.15 -9.20
CA ASP B 185 5.14 -8.53 -8.74
C ASP B 185 5.97 -9.43 -9.66
N HIS B 186 5.56 -9.54 -10.93
CA HIS B 186 6.19 -10.49 -11.84
C HIS B 186 7.70 -10.31 -11.80
N ALA B 187 8.16 -9.06 -11.92
CA ALA B 187 9.60 -8.76 -11.90
C ALA B 187 10.27 -8.98 -10.54
N ALA B 188 9.54 -8.70 -9.46
CA ALA B 188 10.02 -9.01 -8.10
C ALA B 188 10.34 -10.49 -7.98
N ARG B 189 9.44 -11.35 -8.48
CA ARG B 189 9.65 -12.79 -8.41
C ARG B 189 10.73 -13.26 -9.41
N SER B 190 10.88 -12.54 -10.53
CA SER B 190 11.91 -12.86 -11.53
C SER B 190 13.37 -12.83 -11.05
N LYS B 191 13.58 -12.61 -9.75
CA LYS B 191 14.92 -12.60 -9.15
C LYS B 191 16.00 -11.95 -10.02
N GLY B 192 15.75 -10.75 -10.53
CA GLY B 192 16.78 -10.02 -11.26
C GLY B 192 16.70 -10.18 -12.76
N LYS B 193 15.94 -11.19 -13.21
CA LYS B 193 15.78 -11.45 -14.65
C LYS B 193 14.99 -10.36 -15.41
N GLU B 194 13.79 -10.05 -14.93
CA GLU B 194 12.98 -9.00 -15.56
C GLU B 194 13.18 -7.64 -14.90
N THR B 195 13.01 -6.60 -15.70
CA THR B 195 13.09 -5.23 -15.23
C THR B 195 11.72 -4.81 -14.69
N PRO B 196 11.71 -4.24 -13.47
CA PRO B 196 10.46 -3.79 -12.85
C PRO B 196 9.72 -2.75 -13.69
N ILE B 197 8.41 -2.70 -13.56
CA ILE B 197 7.59 -1.79 -14.34
C ILE B 197 6.99 -0.69 -13.48
N ASN B 198 6.88 0.52 -14.05
CA ASN B 198 6.22 1.64 -13.39
C ASN B 198 4.72 1.65 -13.69
N LEU B 199 3.97 2.49 -12.98
CA LEU B 199 2.52 2.51 -13.15
C LEU B 199 2.08 3.22 -14.42
N LEU B 200 3.07 3.60 -15.24
CA LEU B 200 2.78 4.10 -16.57
C LEU B 200 2.95 3.00 -17.60
N GLY B 201 3.33 1.82 -17.11
CA GLY B 201 3.45 0.62 -17.93
C GLY B 201 4.74 0.50 -18.72
N PHE B 202 5.81 1.18 -18.27
CA PHE B 202 7.10 1.14 -18.96
C PHE B 202 8.17 0.56 -18.07
N LYS B 203 8.99 -0.31 -18.64
CA LYS B 203 10.11 -0.89 -17.92
C LYS B 203 10.94 0.27 -17.38
N ASP B 204 11.48 0.10 -16.17
CA ASP B 204 12.07 1.20 -15.47
C ASP B 204 13.26 0.70 -14.67
N GLY B 205 14.45 1.13 -15.08
CA GLY B 205 15.72 0.69 -14.47
C GLY B 205 16.79 0.24 -15.47
N THR B 206 16.33 -0.15 -16.65
CA THR B 206 17.17 -0.72 -17.73
C THR B 206 18.62 -0.22 -17.81
N ALA B 207 18.79 1.07 -18.10
CA ALA B 207 20.13 1.64 -18.36
C ALA B 207 20.92 1.98 -17.10
N ASN B 208 20.50 1.47 -15.94
CA ASN B 208 21.27 1.73 -14.73
C ASN B 208 22.63 1.11 -14.88
N PRO B 209 23.67 1.82 -14.42
CA PRO B 209 25.01 1.26 -14.53
C PRO B 209 25.02 -0.05 -13.76
N ASP B 210 25.82 -1.01 -14.21
CA ASP B 210 25.87 -2.31 -13.55
C ASP B 210 26.21 -2.20 -12.05
N SER B 211 25.31 -2.71 -11.20
CA SER B 211 25.43 -2.52 -9.74
C SER B 211 26.39 -3.51 -9.09
N GLN B 212 26.66 -4.59 -9.81
CA GLN B 212 27.59 -5.65 -9.43
C GLN B 212 29.03 -5.18 -9.59
N ASN B 213 29.29 -4.34 -10.59
CA ASN B 213 30.63 -3.89 -10.92
C ASN B 213 31.20 -2.95 -9.87
N ASP B 214 32.00 -3.49 -8.96
CA ASP B 214 32.52 -2.72 -7.81
C ASP B 214 33.28 -1.47 -8.23
N LYS B 215 34.09 -1.61 -9.28
CA LYS B 215 34.95 -0.55 -9.76
C LYS B 215 34.15 0.64 -10.34
N LEU B 216 33.05 0.34 -11.02
CA LEU B 216 32.15 1.37 -11.58
C LEU B 216 31.33 2.09 -10.50
N MET B 217 31.02 1.38 -9.42
CA MET B 217 30.26 1.96 -8.33
C MET B 217 31.11 2.91 -7.50
N GLN B 218 32.42 2.72 -7.55
CA GLN B 218 33.33 3.66 -6.90
C GLN B 218 33.37 4.99 -7.66
N LYS B 219 33.22 4.91 -8.97
CA LYS B 219 33.19 6.12 -9.80
C LYS B 219 31.82 6.80 -9.79
N VAL B 220 30.75 6.01 -9.68
CA VAL B 220 29.39 6.53 -9.86
C VAL B 220 28.65 6.84 -8.55
N VAL B 221 28.63 5.85 -7.64
CA VAL B 221 27.74 5.87 -6.46
C VAL B 221 28.44 6.32 -5.18
N TRP B 222 29.61 5.73 -4.91
CA TRP B 222 30.30 5.87 -3.63
C TRP B 222 31.19 7.09 -3.56
N VAL B 223 31.05 7.84 -2.49
CA VAL B 223 31.97 8.93 -2.20
C VAL B 223 33.39 8.35 -2.04
N THR B 224 34.32 8.89 -2.82
CA THR B 224 35.71 8.42 -2.79
C THR B 224 36.73 9.47 -2.27
N ALA B 225 37.85 9.00 -1.73
CA ALA B 225 38.84 9.85 -1.04
C ALA B 225 39.45 10.96 -1.91
N ASP B 226 39.48 10.76 -3.22
CA ASP B 226 39.90 11.81 -4.15
C ASP B 226 38.94 13.01 -4.25
N GLN B 227 37.86 13.00 -3.45
CA GLN B 227 36.81 14.03 -3.56
C GLN B 227 36.97 15.09 -2.48
N GLN B 228 36.66 16.33 -2.84
CA GLN B 228 36.85 17.45 -1.91
C GLN B 228 36.06 17.37 -0.59
N GLU B 229 35.27 16.32 -0.40
CA GLU B 229 34.38 16.20 0.77
C GLU B 229 35.19 15.93 2.05
N PRO B 230 34.57 16.16 3.22
CA PRO B 230 35.17 15.76 4.49
C PRO B 230 35.29 14.24 4.64
N ALA B 231 36.40 13.79 5.20
CA ALA B 231 36.78 12.38 5.21
C ALA B 231 35.82 11.40 5.89
N TRP B 232 34.79 11.87 6.59
CA TRP B 232 33.82 10.93 7.16
C TRP B 232 32.94 10.37 6.07
N THR B 233 32.65 11.21 5.08
CA THR B 233 31.80 10.87 3.94
C THR B 233 32.26 9.68 3.08
N ILE B 234 33.59 9.48 2.97
CA ILE B 234 34.17 8.37 2.20
C ILE B 234 33.42 7.06 2.50
N GLY B 235 32.81 6.50 1.46
CA GLY B 235 32.01 5.29 1.59
C GLY B 235 30.51 5.53 1.64
N GLY B 236 30.12 6.80 1.74
CA GLY B 236 28.71 7.20 1.73
C GLY B 236 28.22 7.43 0.31
N SER B 237 27.09 8.12 0.17
CA SER B 237 26.50 8.37 -1.15
C SER B 237 25.45 9.48 -1.05
N TYR B 238 25.52 10.47 -1.94
CA TYR B 238 24.47 11.49 -1.99
C TYR B 238 23.15 10.88 -2.50
N GLN B 239 22.04 11.26 -1.89
CA GLN B 239 20.76 10.60 -2.16
C GLN B 239 19.65 11.58 -2.51
N ALA B 240 19.12 11.45 -3.72
CA ALA B 240 18.00 12.29 -4.13
C ALA B 240 16.70 11.50 -4.15
N VAL B 241 15.65 12.15 -3.64
CA VAL B 241 14.35 11.55 -3.43
C VAL B 241 13.29 12.51 -3.93
N ARG B 242 12.36 11.99 -4.72
CA ARG B 242 11.35 12.82 -5.33
C ARG B 242 10.08 12.04 -5.34
N LEU B 243 9.04 12.59 -4.70
CA LEU B 243 7.72 11.99 -4.74
C LEU B 243 6.97 12.59 -5.94
N ILE B 244 6.66 11.73 -6.91
CA ILE B 244 6.14 12.18 -8.21
C ILE B 244 4.79 11.51 -8.54
N GLN B 245 3.73 12.32 -8.54
CA GLN B 245 2.42 11.89 -8.97
C GLN B 245 2.31 11.73 -10.47
N PHE B 246 1.44 10.81 -10.90
CA PHE B 246 1.10 10.63 -12.31
C PHE B 246 -0.33 11.07 -12.53
N ARG B 247 -0.56 11.75 -13.65
CA ARG B 247 -1.90 11.99 -14.17
C ARG B 247 -2.37 10.71 -14.89
N VAL B 248 -2.92 9.78 -14.13
CA VAL B 248 -2.97 8.40 -14.58
C VAL B 248 -4.10 8.12 -15.58
N GLU B 249 -5.28 8.66 -15.31
CA GLU B 249 -6.44 8.50 -16.20
C GLU B 249 -6.16 9.21 -17.54
N PHE B 250 -5.59 10.41 -17.43
CA PHE B 250 -5.16 11.15 -18.62
C PHE B 250 -4.11 10.38 -19.44
N TRP B 251 -3.17 9.73 -18.75
CA TRP B 251 -2.17 8.87 -19.38
C TRP B 251 -2.83 7.66 -20.04
N ASP B 252 -3.70 6.98 -19.31
CA ASP B 252 -4.38 5.81 -19.88
C ASP B 252 -5.15 6.15 -21.15
N ARG B 253 -5.40 7.45 -21.37
CA ARG B 253 -6.16 7.98 -22.50
C ARG B 253 -5.23 8.42 -23.63
N THR B 254 -3.94 8.46 -23.34
CA THR B 254 -2.95 8.94 -24.29
C THR B 254 -2.51 7.83 -25.25
N PRO B 255 -2.50 8.14 -26.58
CA PRO B 255 -2.08 7.25 -27.65
C PRO B 255 -0.81 6.49 -27.33
N LEU B 256 -0.74 5.22 -27.73
CA LEU B 256 0.45 4.43 -27.45
C LEU B 256 1.64 5.06 -28.15
N LYS B 257 1.45 5.39 -29.42
CA LYS B 257 2.42 6.14 -30.22
C LYS B 257 2.97 7.30 -29.41
N GLU B 258 2.08 8.04 -28.75
CA GLU B 258 2.53 9.19 -27.96
C GLU B 258 3.27 8.79 -26.69
N GLN B 259 2.82 7.73 -26.02
CA GLN B 259 3.52 7.21 -24.82
C GLN B 259 4.99 6.82 -25.10
N GLN B 260 5.22 6.05 -26.16
CA GLN B 260 6.56 5.61 -26.50
C GLN B 260 7.46 6.80 -26.91
N THR B 261 6.97 7.61 -27.83
CA THR B 261 7.60 8.87 -28.23
C THR B 261 8.13 9.68 -27.04
N ILE B 262 7.25 9.92 -26.05
CA ILE B 262 7.61 10.61 -24.82
C ILE B 262 8.79 9.97 -24.10
N PHE B 263 8.82 8.64 -24.03
CA PHE B 263 9.90 7.96 -23.32
C PHE B 263 11.06 7.69 -24.22
N GLY B 264 10.78 7.38 -25.49
CA GLY B 264 11.83 7.00 -26.44
C GLY B 264 12.20 5.53 -26.31
N ARG B 265 11.30 4.77 -25.69
CA ARG B 265 11.45 3.33 -25.58
C ARG B 265 10.20 2.61 -26.04
N ASP B 266 10.37 1.36 -26.46
CA ASP B 266 9.25 0.52 -26.86
C ASP B 266 8.62 -0.03 -25.60
N LYS B 267 7.31 0.20 -25.46
CA LYS B 267 6.57 -0.14 -24.26
C LYS B 267 6.60 -1.63 -23.95
N GLN B 268 6.32 -2.45 -24.95
CA GLN B 268 6.27 -3.89 -24.77
C GLN B 268 7.66 -4.48 -24.54
N THR B 269 8.59 -4.12 -25.42
CA THR B 269 9.91 -4.73 -25.42
C THR B 269 10.88 -4.09 -24.43
N GLY B 270 10.78 -2.77 -24.29
CA GLY B 270 11.77 -2.00 -23.53
C GLY B 270 12.98 -1.55 -24.33
N ALA B 271 13.01 -1.84 -25.62
CA ALA B 271 14.10 -1.43 -26.52
C ALA B 271 14.03 0.07 -26.88
N PRO B 272 15.18 0.68 -27.19
CA PRO B 272 15.09 2.02 -27.75
C PRO B 272 14.30 1.97 -29.06
N LEU B 273 13.42 2.94 -29.31
CA LEU B 273 12.60 2.93 -30.52
C LEU B 273 13.46 2.84 -31.77
N GLY B 274 13.07 1.97 -32.69
CA GLY B 274 13.92 1.64 -33.82
C GLY B 274 14.55 0.28 -33.64
N MET B 275 14.90 -0.05 -32.40
CA MET B 275 15.66 -1.27 -32.08
C MET B 275 14.84 -2.40 -31.48
N GLN B 276 15.49 -3.54 -31.22
CA GLN B 276 14.76 -4.78 -30.90
C GLN B 276 14.97 -5.43 -29.54
N HIS B 277 16.02 -5.03 -28.81
CA HIS B 277 16.29 -5.65 -27.52
C HIS B 277 16.36 -4.62 -26.42
N GLU B 278 15.76 -4.96 -25.29
CA GLU B 278 15.74 -4.08 -24.11
C GLU B 278 17.11 -3.46 -23.77
N HIS B 279 18.19 -4.24 -23.81
CA HIS B 279 19.53 -3.71 -23.51
C HIS B 279 20.26 -3.18 -24.76
N ASP B 280 19.50 -2.91 -25.83
CA ASP B 280 20.03 -2.19 -26.98
C ASP B 280 20.31 -0.73 -26.63
N VAL B 281 21.26 -0.12 -27.35
CA VAL B 281 21.69 1.24 -27.07
C VAL B 281 21.37 2.13 -28.28
N PRO B 282 20.73 3.28 -28.05
CA PRO B 282 20.46 4.13 -29.20
C PRO B 282 21.71 4.91 -29.58
N ASP B 283 21.78 5.38 -30.83
CA ASP B 283 22.82 6.34 -31.16
C ASP B 283 22.13 7.58 -31.69
N TYR B 284 22.24 8.65 -30.93
CA TYR B 284 21.56 9.89 -31.26
C TYR B 284 22.34 10.62 -32.35
N ALA B 285 23.65 10.35 -32.38
CA ALA B 285 24.54 10.84 -33.43
C ALA B 285 23.92 10.70 -34.83
N SER B 286 23.15 9.62 -35.04
CA SER B 286 22.47 9.38 -36.32
C SER B 286 21.14 10.13 -36.44
N ASP B 287 20.61 10.55 -35.30
CA ASP B 287 19.22 10.97 -35.23
C ASP B 287 19.09 12.41 -34.77
N PRO B 288 19.91 13.32 -35.34
CA PRO B 288 19.99 14.64 -34.72
C PRO B 288 18.72 15.50 -34.92
N GLU B 289 17.90 15.22 -35.92
CA GLU B 289 16.60 15.89 -36.03
C GLU B 289 15.65 15.36 -34.95
N GLY B 290 16.07 14.31 -34.25
CA GLY B 290 15.26 13.64 -33.24
C GLY B 290 14.02 12.98 -33.79
N LYS B 291 14.20 12.21 -34.87
CA LYS B 291 13.08 11.60 -35.62
C LYS B 291 12.74 10.16 -35.21
N VAL B 292 13.69 9.43 -34.62
CA VAL B 292 13.39 8.11 -34.07
C VAL B 292 13.14 8.28 -32.57
N ILE B 293 14.19 8.71 -31.86
CA ILE B 293 14.09 9.14 -30.46
C ILE B 293 14.03 10.66 -30.41
N ALA B 294 12.97 11.18 -29.83
CA ALA B 294 12.73 12.62 -29.77
C ALA B 294 13.72 13.31 -28.81
N LEU B 295 14.11 14.54 -29.18
CA LEU B 295 14.99 15.36 -28.34
C LEU B 295 14.21 15.77 -27.12
N ASP B 296 12.91 15.53 -27.24
CA ASP B 296 11.91 15.85 -26.27
C ASP B 296 11.89 14.73 -25.22
N SER B 297 12.34 13.55 -25.61
CA SER B 297 12.14 12.35 -24.81
C SER B 297 12.90 12.33 -23.47
N HIS B 298 12.38 11.53 -22.53
CA HIS B 298 12.97 11.30 -21.23
C HIS B 298 14.37 10.67 -21.37
N ILE B 299 14.49 9.70 -22.26
CA ILE B 299 15.74 8.93 -22.40
C ILE B 299 16.88 9.80 -22.92
N ARG B 300 16.58 10.55 -23.99
CA ARG B 300 17.58 11.32 -24.72
C ARG B 300 18.03 12.54 -23.93
N LEU B 301 17.10 13.17 -23.22
CA LEU B 301 17.47 14.27 -22.35
C LEU B 301 18.14 13.75 -21.09
N ALA B 302 17.60 12.68 -20.51
CA ALA B 302 18.18 12.14 -19.28
C ALA B 302 19.64 11.82 -19.51
N ASN B 303 19.92 11.26 -20.67
CA ASN B 303 21.29 10.88 -21.04
C ASN B 303 21.55 11.07 -22.53
N PRO B 304 22.28 12.16 -22.89
CA PRO B 304 22.63 12.48 -24.27
C PRO B 304 23.62 11.47 -24.85
N ARG B 305 24.06 10.54 -23.99
CA ARG B 305 25.01 9.50 -24.33
C ARG B 305 26.25 10.06 -25.03
N THR B 306 26.74 11.19 -24.53
CA THR B 306 27.95 11.79 -25.08
C THR B 306 29.19 11.08 -24.55
N ALA B 307 29.04 10.41 -23.41
CA ALA B 307 30.17 9.79 -22.71
C ALA B 307 31.16 10.85 -22.22
N GLU B 308 31.08 12.02 -22.85
CA GLU B 308 31.73 13.24 -22.38
C GLU B 308 31.14 13.68 -21.05
N SER B 309 29.85 13.37 -20.84
CA SER B 309 29.21 13.49 -19.52
C SER B 309 28.66 12.14 -19.00
N GLU B 310 29.53 11.14 -18.94
CA GLU B 310 29.29 9.90 -18.19
C GLU B 310 29.34 10.24 -16.70
N SER B 311 29.89 11.41 -16.40
CA SER B 311 30.00 11.92 -15.03
C SER B 311 28.66 12.23 -14.36
N SER B 312 27.55 12.17 -15.12
CA SER B 312 26.22 12.43 -14.57
C SER B 312 25.42 11.16 -14.30
N LEU B 313 26.11 10.02 -14.38
CA LEU B 313 25.52 8.72 -14.16
C LEU B 313 25.10 8.48 -12.70
N MET B 314 24.11 7.60 -12.51
CA MET B 314 23.52 7.35 -11.21
C MET B 314 22.85 5.96 -11.11
N LEU B 315 22.72 5.45 -9.90
CA LEU B 315 21.91 4.27 -9.67
C LEU B 315 20.50 4.66 -9.19
N ARG B 316 19.49 4.37 -10.01
CA ARG B 316 18.12 4.69 -9.63
C ARG B 316 17.47 3.49 -8.97
N ARG B 317 16.86 3.70 -7.81
CA ARG B 317 16.28 2.60 -7.06
C ARG B 317 14.81 2.93 -6.66
N GLY B 318 13.95 3.06 -7.67
CA GLY B 318 12.59 3.54 -7.44
C GLY B 318 11.53 2.48 -7.13
N TYR B 319 10.36 2.95 -6.69
CA TYR B 319 9.23 2.07 -6.37
C TYR B 319 7.95 2.73 -6.81
N SER B 320 6.99 1.95 -7.27
CA SER B 320 5.66 2.48 -7.55
C SER B 320 4.94 2.71 -6.22
N TYR B 321 4.11 3.76 -6.17
CA TYR B 321 3.17 3.91 -5.07
C TYR B 321 1.74 4.14 -5.61
N SER B 322 0.78 3.76 -4.79
CA SER B 322 -0.63 4.00 -5.06
C SER B 322 -1.33 4.34 -3.75
N LEU B 323 -1.90 5.55 -3.66
CA LEU B 323 -2.55 6.00 -2.43
C LEU B 323 -4.08 6.05 -2.51
N GLY B 324 -4.63 7.27 -2.51
CA GLY B 324 -6.07 7.45 -2.57
C GLY B 324 -6.47 8.36 -3.71
N VAL B 325 -7.07 9.50 -3.37
CA VAL B 325 -7.63 10.40 -4.37
C VAL B 325 -7.02 11.78 -4.18
N THR B 326 -6.64 12.47 -5.26
CA THR B 326 -6.19 13.87 -5.14
C THR B 326 -7.32 14.86 -4.80
N ASN B 327 -6.94 16.05 -4.35
CA ASN B 327 -7.90 17.16 -4.12
C ASN B 327 -8.73 17.42 -5.39
N SER B 328 -8.07 17.33 -6.53
CA SER B 328 -8.74 17.44 -7.82
C SER B 328 -9.55 16.19 -8.21
N GLY B 329 -9.71 15.25 -7.28
CA GLY B 329 -10.59 14.10 -7.45
C GLY B 329 -10.02 12.92 -8.23
N GLN B 330 -8.77 13.01 -8.66
CA GLN B 330 -8.16 11.96 -9.48
C GLN B 330 -7.34 10.95 -8.65
N LEU B 331 -7.11 9.78 -9.23
CA LEU B 331 -6.29 8.72 -8.61
C LEU B 331 -4.92 9.22 -8.21
N ASP B 332 -4.47 8.80 -7.03
CA ASP B 332 -3.17 9.24 -6.58
C ASP B 332 -2.14 8.13 -6.62
N MET B 333 -1.43 8.03 -7.73
CA MET B 333 -0.39 7.03 -7.85
C MET B 333 0.79 7.56 -8.61
N GLY B 334 1.90 6.84 -8.55
CA GLY B 334 3.12 7.35 -9.15
C GLY B 334 4.40 6.69 -8.71
N LEU B 335 5.50 7.40 -8.90
CA LEU B 335 6.82 6.91 -8.56
C LEU B 335 7.41 7.53 -7.29
N LEU B 336 7.89 6.66 -6.41
CA LEU B 336 8.77 7.06 -5.32
C LEU B 336 10.21 6.99 -5.81
N PHE B 337 10.62 8.04 -6.51
CA PHE B 337 11.95 8.09 -7.11
C PHE B 337 13.06 8.19 -6.05
N VAL B 338 14.08 7.35 -6.21
CA VAL B 338 15.24 7.30 -5.30
C VAL B 338 16.50 7.07 -6.12
N CYS B 339 17.50 7.93 -5.97
CA CYS B 339 18.77 7.69 -6.66
C CYS B 339 20.04 8.01 -5.84
N TYR B 340 21.06 7.18 -6.03
CA TYR B 340 22.36 7.39 -5.39
C TYR B 340 23.47 7.87 -6.34
N GLN B 341 24.31 8.79 -5.84
CA GLN B 341 25.45 9.34 -6.58
C GLN B 341 26.62 9.60 -5.64
N HIS B 342 27.82 9.64 -6.21
CA HIS B 342 29.00 10.08 -5.48
C HIS B 342 29.04 11.61 -5.33
N ASP B 343 28.21 12.31 -6.11
CA ASP B 343 28.17 13.76 -6.12
C ASP B 343 26.83 14.27 -6.64
N LEU B 344 26.10 14.95 -5.76
CA LEU B 344 24.73 15.36 -6.04
C LEU B 344 24.58 16.36 -7.19
N GLU B 345 25.48 17.35 -7.29
CA GLU B 345 25.37 18.31 -8.39
C GLU B 345 25.74 17.68 -9.71
N LYS B 346 26.82 16.89 -9.70
CA LYS B 346 27.24 16.14 -10.90
C LYS B 346 26.19 15.11 -11.35
N GLY B 347 25.40 14.61 -10.40
CA GLY B 347 24.30 13.67 -10.69
C GLY B 347 22.90 14.27 -10.79
N PHE B 348 22.08 14.07 -9.76
CA PHE B 348 20.67 14.44 -9.80
C PHE B 348 20.37 15.87 -10.30
N LEU B 349 21.09 16.86 -9.76
CA LEU B 349 20.86 18.24 -10.18
C LEU B 349 21.19 18.46 -11.65
N THR B 350 22.22 17.75 -12.14
CA THR B 350 22.62 17.89 -13.56
C THR B 350 21.60 17.26 -14.51
N VAL B 351 21.15 16.06 -14.17
CA VAL B 351 20.14 15.39 -14.98
C VAL B 351 18.78 16.13 -14.91
N GLN B 352 18.33 16.46 -13.70
CA GLN B 352 17.01 17.11 -13.57
C GLN B 352 16.98 18.44 -14.33
N LYS B 353 18.05 19.24 -14.20
CA LYS B 353 18.16 20.50 -14.91
C LYS B 353 17.93 20.19 -16.38
N ARG B 354 18.59 19.13 -16.82
CA ARG B 354 18.58 18.65 -18.19
C ARG B 354 17.19 18.13 -18.63
N LEU B 355 16.37 17.70 -17.68
CA LEU B 355 15.01 17.21 -17.98
C LEU B 355 13.94 18.29 -18.10
N ASN B 356 14.12 19.40 -17.40
CA ASN B 356 13.18 20.52 -17.41
C ASN B 356 12.77 20.90 -18.83
N GLY B 357 11.52 20.63 -19.19
CA GLY B 357 11.05 20.91 -20.53
C GLY B 357 10.67 19.67 -21.32
N GLU B 358 10.94 18.50 -20.75
CA GLU B 358 10.63 17.21 -21.39
C GLU B 358 9.12 17.02 -21.55
N ALA B 359 8.73 16.26 -22.57
CA ALA B 359 7.31 16.00 -22.87
C ALA B 359 6.55 15.34 -21.73
N LEU B 360 7.27 14.56 -20.92
CA LEU B 360 6.67 13.83 -19.81
C LEU B 360 6.04 14.76 -18.77
N GLU B 361 6.57 15.98 -18.64
CA GLU B 361 6.10 16.92 -17.63
C GLU B 361 4.58 17.12 -17.59
N GLU B 362 3.95 17.04 -18.77
CA GLU B 362 2.51 17.18 -18.90
C GLU B 362 1.73 16.11 -18.12
N TYR B 363 2.41 15.01 -17.80
CA TYR B 363 1.79 13.86 -17.17
C TYR B 363 2.23 13.63 -15.73
N VAL B 364 3.24 14.37 -15.29
CA VAL B 364 3.89 14.07 -14.02
C VAL B 364 3.99 15.30 -13.13
N LYS B 365 3.86 15.10 -11.83
CA LYS B 365 3.81 16.21 -10.90
C LYS B 365 4.64 15.93 -9.65
N PRO B 366 5.91 16.36 -9.66
CA PRO B 366 6.74 16.16 -8.49
C PRO B 366 6.18 17.00 -7.34
N ILE B 367 6.08 16.39 -6.15
CA ILE B 367 5.36 17.03 -5.04
C ILE B 367 6.07 16.88 -3.71
N GLY B 368 7.16 16.12 -3.68
CA GLY B 368 7.83 15.85 -2.42
C GLY B 368 9.18 15.17 -2.54
N GLY B 369 9.82 15.01 -1.39
CA GLY B 369 11.12 14.39 -1.32
C GLY B 369 12.06 15.32 -0.61
N GLY B 370 13.35 15.22 -0.96
CA GLY B 370 14.37 16.08 -0.39
C GLY B 370 15.72 15.55 -0.83
N TYR B 371 16.78 16.27 -0.50
CA TYR B 371 18.13 15.77 -0.73
C TYR B 371 18.71 15.31 0.59
N PHE B 372 19.45 14.22 0.57
CA PHE B 372 20.03 13.66 1.80
C PHE B 372 21.41 13.10 1.55
N PHE B 373 22.20 12.95 2.61
CA PHE B 373 23.44 12.19 2.47
C PHE B 373 23.41 10.86 3.20
N ALA B 374 23.60 9.76 2.47
CA ALA B 374 23.59 8.42 3.05
C ALA B 374 24.89 8.13 3.74
N LEU B 375 24.82 7.61 4.96
CA LEU B 375 26.02 7.42 5.74
C LEU B 375 26.90 6.28 5.22
N PRO B 376 28.21 6.33 5.55
CA PRO B 376 29.10 5.19 5.33
C PRO B 376 28.61 4.00 6.13
N GLY B 377 28.90 2.80 5.64
CA GLY B 377 28.48 1.58 6.32
C GLY B 377 28.99 1.47 7.74
N VAL B 378 28.41 0.54 8.48
CA VAL B 378 28.86 0.23 9.82
C VAL B 378 29.74 -1.00 9.71
N LYS B 379 31.04 -0.80 9.95
CA LYS B 379 32.08 -1.78 9.63
C LYS B 379 31.97 -3.08 10.45
N ASP B 380 31.85 -2.94 11.77
CA ASP B 380 31.57 -4.09 12.64
C ASP B 380 30.66 -3.70 13.81
N ALA B 381 30.43 -4.65 14.70
CA ALA B 381 29.56 -4.48 15.88
C ALA B 381 30.02 -3.40 16.87
N ASN B 382 31.27 -2.95 16.74
CA ASN B 382 31.79 -1.89 17.61
C ASN B 382 31.59 -0.47 17.06
N ASP B 383 31.15 -0.40 15.80
CA ASP B 383 30.92 0.86 15.12
C ASP B 383 29.48 1.30 15.28
N TYR B 384 29.22 2.57 14.99
CA TYR B 384 27.86 3.12 14.99
C TYR B 384 27.74 4.17 13.90
N PHE B 385 26.50 4.40 13.47
CA PHE B 385 26.18 5.30 12.39
C PHE B 385 26.84 6.66 12.54
N GLY B 386 27.72 6.99 11.61
CA GLY B 386 28.34 8.31 11.63
C GLY B 386 29.23 8.52 12.82
N SER B 387 29.97 7.48 13.20
CA SER B 387 30.95 7.56 14.28
C SER B 387 32.13 8.44 13.87
N ALA B 388 32.53 8.37 12.60
CA ALA B 388 33.60 9.23 12.09
C ALA B 388 33.16 10.68 12.05
N LEU B 389 31.88 10.89 11.77
CA LEU B 389 31.32 12.24 11.74
C LEU B 389 31.33 12.90 13.11
N LEU B 390 31.36 12.10 14.17
CA LEU B 390 31.18 12.63 15.53
C LEU B 390 32.49 12.81 16.33
N ARG B 391 33.55 12.12 15.92
CA ARG B 391 34.89 12.33 16.49
C ARG B 391 35.71 13.39 15.72
N VAL B 392 36.51 12.93 14.74
CA VAL B 392 37.36 13.77 13.85
C VAL B 392 38.39 14.71 14.54
CHA HEM C . -14.13 -9.47 17.00
CHB HEM C . -10.78 -6.18 15.99
CHC HEM C . -14.35 -3.15 14.86
CHD HEM C . -17.64 -6.66 15.19
C1A HEM C . -12.94 -8.79 16.92
C2A HEM C . -11.69 -9.26 17.48
C3A HEM C . -10.76 -8.36 17.19
C4A HEM C . -11.40 -7.30 16.46
CMA HEM C . -9.26 -8.39 17.54
CAA HEM C . -11.52 -10.61 18.24
CBA HEM C . -11.19 -11.76 17.30
CGA HEM C . -12.40 -12.16 16.49
O1A HEM C . -12.36 -12.04 15.24
O2A HEM C . -13.41 -12.61 17.07
C1B HEM C . -11.48 -5.04 15.69
C2B HEM C . -10.91 -3.72 15.62
C3B HEM C . -11.91 -2.88 15.32
C4B HEM C . -13.13 -3.66 15.19
CMB HEM C . -9.44 -3.37 15.88
CAB HEM C . -11.79 -1.36 15.15
CBB HEM C . -11.01 -0.88 14.19
C1C HEM C . -15.52 -3.85 14.78
C2C HEM C . -16.77 -3.30 14.29
C3C HEM C . -17.70 -4.29 14.40
C4C HEM C . -17.05 -5.45 14.95
CMC HEM C . -16.97 -1.88 13.75
CAC HEM C . -19.19 -4.25 13.99
CBC HEM C . -20.05 -3.33 14.45
C1D HEM C . -17.02 -7.76 15.70
C2D HEM C . -17.64 -9.03 15.96
C3D HEM C . -16.53 -9.90 16.52
C4D HEM C . -15.36 -9.05 16.54
CMD HEM C . -19.11 -9.46 15.73
CAD HEM C . -16.63 -11.36 17.00
CBD HEM C . -16.55 -11.37 18.52
CGD HEM C . -17.23 -12.60 19.06
O1D HEM C . -16.66 -13.24 19.99
O2D HEM C . -18.33 -12.94 18.57
NA HEM C . -12.73 -7.59 16.31
NB HEM C . -12.83 -4.98 15.43
NC HEM C . -15.71 -5.15 15.17
ND HEM C . -15.68 -7.80 16.04
FE HEM C . -14.24 -6.39 15.76
S SO4 D . -7.29 10.24 0.68
O1 SO4 D . -7.73 11.60 0.97
O2 SO4 D . -6.02 10.09 1.36
O3 SO4 D . -8.27 9.31 1.26
O4 SO4 D . -7.14 10.03 -0.76
S SO4 E . -7.33 12.39 17.29
O1 SO4 E . -6.60 12.82 18.47
O2 SO4 E . -6.92 11.04 16.93
O3 SO4 E . -8.78 12.38 17.54
O4 SO4 E . -7.01 13.32 16.21
S SO4 F . -6.30 13.80 9.01
O1 SO4 F . -5.78 14.29 10.30
O2 SO4 F . -5.82 12.43 8.78
O3 SO4 F . -7.75 13.80 9.07
O4 SO4 F . -5.85 14.62 7.88
S SO4 G . 3.13 -18.69 -16.01
O1 SO4 G . 3.15 -18.64 -14.54
O2 SO4 G . 3.96 -19.79 -16.49
O3 SO4 G . 1.78 -18.94 -16.50
O4 SO4 G . 3.60 -17.44 -16.59
S SO4 H . -22.86 14.39 -2.29
O1 SO4 H . -23.75 15.40 -1.74
O2 SO4 H . -22.73 13.32 -1.30
O3 SO4 H . -23.40 13.88 -3.55
O4 SO4 H . -21.55 14.99 -2.58
S SO4 I . -42.47 -4.43 0.89
O1 SO4 I . -42.76 -3.27 1.73
O2 SO4 I . -41.84 -5.46 1.71
O3 SO4 I . -43.71 -4.95 0.33
O4 SO4 I . -41.57 -4.02 -0.20
S SO4 J . -29.36 9.96 -0.37
O1 SO4 J . -28.36 10.98 -0.08
O2 SO4 J . -28.71 8.65 -0.39
O3 SO4 J . -30.38 9.98 0.70
O4 SO4 J . -30.00 10.24 -1.65
C1 GOL K . -14.90 14.03 -3.68
O1 GOL K . -15.18 13.63 -2.35
C2 GOL K . -13.92 15.21 -3.71
O2 GOL K . -12.62 14.70 -3.58
C3 GOL K . -14.08 15.99 -5.02
O3 GOL K . -12.94 16.79 -5.30
CHA HEM L . 15.22 6.26 -17.72
CHB HEM L . 10.68 6.38 -16.01
CHC HEM L . 11.76 10.32 -13.47
CHD HEM L . 16.43 9.73 -14.54
C1A HEM L . 13.88 5.99 -17.53
C2A HEM L . 13.11 5.02 -18.26
C3A HEM L . 11.85 5.06 -17.79
C4A HEM L . 11.80 6.05 -16.74
CMA HEM L . 10.62 4.25 -18.22
CAA HEM L . 13.70 4.13 -19.40
CBA HEM L . 14.30 2.80 -18.96
CGA HEM L . 15.51 2.96 -18.06
O1A HEM L . 15.31 3.10 -16.82
O2A HEM L . 16.66 2.92 -18.59
C1B HEM L . 10.55 7.49 -15.25
C2B HEM L . 9.32 8.06 -14.72
C3B HEM L . 9.65 9.14 -14.04
C4B HEM L . 11.07 9.31 -14.09
CMB HEM L . 7.89 7.52 -14.91
CAB HEM L . 8.66 10.08 -13.30
CBB HEM L . 8.58 11.35 -13.67
C1C HEM L . 13.12 10.51 -13.51
C2C HEM L . 13.88 11.54 -12.81
C3C HEM L . 15.16 11.37 -13.12
C4C HEM L . 15.27 10.22 -14.00
CMC HEM L . 13.30 12.64 -11.88
CAC HEM L . 16.35 12.22 -12.59
CBC HEM L . 16.60 13.44 -13.05
C1D HEM L . 16.56 8.74 -15.49
C2D HEM L . 17.82 8.29 -16.06
C3D HEM L . 17.45 7.19 -17.06
C4D HEM L . 16.00 7.11 -16.99
CMD HEM L . 19.24 8.80 -15.72
CAD HEM L . 18.41 6.36 -17.96
CBD HEM L . 18.61 7.06 -19.31
CGD HEM L . 19.69 6.39 -20.13
O1D HEM L . 19.44 6.09 -21.33
O2D HEM L . 20.81 6.19 -19.60
NA HEM L . 13.05 6.61 -16.60
NB HEM L . 11.60 8.28 -14.84
NC HEM L . 14.00 9.73 -14.23
ND HEM L . 15.52 8.02 -16.06
FE HEM L . 13.48 8.16 -15.49
S SO4 M . -0.11 12.19 3.36
O1 SO4 M . -1.13 11.98 4.40
O2 SO4 M . 1.06 11.39 3.75
O3 SO4 M . -0.61 11.77 2.05
O4 SO4 M . 0.23 13.60 3.28
S SO4 N . 10.67 22.64 9.26
O1 SO4 N . 9.96 22.45 10.53
O2 SO4 N . 12.00 22.05 9.36
O3 SO4 N . 9.90 22.01 8.18
O4 SO4 N . 10.82 24.07 8.95
S SO4 O . -3.28 18.87 -11.44
O1 SO4 O . -2.87 17.99 -10.35
O2 SO4 O . -3.32 18.15 -12.71
O3 SO4 O . -4.60 19.41 -11.13
O4 SO4 O . -2.32 19.98 -11.56
#